data_3QIP
#
_entry.id   3QIP
#
_cell.length_a   118.898
_cell.length_b   154.876
_cell.length_c   153.079
_cell.angle_alpha   90.00
_cell.angle_beta   90.00
_cell.angle_gamma   90.00
#
_symmetry.space_group_name_H-M   'C 2 2 21'
#
loop_
_entity.id
_entity.type
_entity.pdbx_description
1 polymer 'Reverse HIV-1 reverse transcriptase p66'
2 polymer p51
3 non-polymer "11-CYCLOPROPYL-5,11-DIHYDRO-4-METHYL-6H-DIPYRIDO[3,2-B:2',3'-E][1,4]DIAZEPIN-6-ONE"
4 non-polymer 'MANGANESE (II) ION'
5 non-polymer 'SULFATE ION'
6 non-polymer 'CHLORIDE ION'
7 non-polymer '5,6-dihydroxy-2-[(2-phenyl-1H-indol-3-yl)methyl]pyrimidine-4-carboxylic acid'
8 water water
#
loop_
_entity_poly.entity_id
_entity_poly.type
_entity_poly.pdbx_seq_one_letter_code
_entity_poly.pdbx_strand_id
1 'polypeptide(L)'
;PISPIETVPVKLKPGMDGPKVKQWPLTEEKIKALVEICTEMEKEGKISKIGPENPYNTPVFAIKKKDSTKWRKLVDFREL
NKRTQDFWEVQLGIPHPAGLKKKKSVTVLDVGDAYFSVPLDEDFRKYTAFTIPSINNETPGIRYQYNVLPQGWKGSPAIF
QSSMTKILEPFRKQNPDIVIYQYMDDLYVGSDLEIGQHRTKIEELRQHLLRWGLTTPDKKHQKEPPFLWMGYELHPDKWT
VQPIVLPEKDSWTVNDIQKLVGKLNWASQIYPGIKVRQLCKLLRGTKALTEVIPLTEEAELELAENREILKEPVHGVYYD
PSKDLIAEIQKQGQGQWTYQIYQEPFKNLKTGKYARMRGAHTNDVKQLTEAVQKITTESIVIWGKTPKFKLPIQKETWET
WWTEYWQATWIPEWEFVNTPPLVKLWYQLEKEPIVGAETFYVDGAANRETKLGKAGYVTNRGRQKVVTLTDTTNQKTELQ
AIYLALQDSGLEVNIVTDSQYALGIIQAQPDQSESELVNQIIEQLIKKEKVYLAWVPAHKGIGGNEQVDKLVSAGIRKVL
;
A
2 'polypeptide(L)'
;PISPIETVPVKLKPGMDGPKVKQWPLTEEKIKALVEICTEMEKEGKISKIGPENPYNTPVFAIKKKDSTKWRKLVDFREL
NKRTQDFWEVQLGIPHPAGLKKKKSVTVLDVGDAYFSVPLDEDFRKYTAFTIPSINNETPGIRYQYNVLPQGWKGSPAIF
QSSMTKILEPFRKQNPDIVIYQYMDDLYVGSDLEIGQHRTKIEELRQHLLRWGLTTPDKKHQKEPPFLWMGYELHPDKWT
VQPIVLPEKDSWTVNDIQKLVGKLNWASQIYPGIKVRQLCKLLRGTKALTEVIPLTEEAELELAENREILKEPVHGVYYD
PSKDLIAEIQKQGQGQWTYQIYQEPFKNLKTGKYARMRGAHTNDVKQLTEAVQKITTESIVIWGKTPKFKLPIQKETWET
WWTEYWQATWIPEWEFVNTPPLVKLWYQLEKEPIVGAETF
;
B
#
loop_
_chem_comp.id
_chem_comp.type
_chem_comp.name
_chem_comp.formula
CL non-polymer 'CHLORIDE ION' 'Cl -1'
MN non-polymer 'MANGANESE (II) ION' 'Mn 2'
NVP non-polymer 11-CYCLOPROPYL-5,11-DIHYDRO-4-METHYL-6H-DIPYRIDO[3,2-B:2',3'-E][1,4]DIAZEPIN-6-ONE 'C15 H14 N4 O'
P4Y non-polymer '5,6-dihydroxy-2-[(2-phenyl-1H-indol-3-yl)methyl]pyrimidine-4-carboxylic acid' 'C20 H15 N3 O4'
SO4 non-polymer 'SULFATE ION' 'O4 S -2'
#
# COMPACT_ATOMS: atom_id res chain seq x y z
N PRO A 1 -39.65 -13.62 15.61
CA PRO A 1 -38.95 -14.77 16.18
C PRO A 1 -37.59 -14.34 16.72
N ILE A 2 -36.96 -15.26 17.44
CA ILE A 2 -35.56 -15.13 17.81
C ILE A 2 -34.82 -16.37 17.28
N SER A 3 -33.81 -16.14 16.47
CA SER A 3 -33.12 -17.24 15.81
C SER A 3 -32.54 -18.24 16.81
N PRO A 4 -32.65 -19.54 16.50
CA PRO A 4 -32.03 -20.54 17.37
C PRO A 4 -30.53 -20.75 17.07
N ILE A 5 -29.94 -19.82 16.30
CA ILE A 5 -28.50 -19.89 16.05
C ILE A 5 -27.74 -19.70 17.35
N GLU A 6 -26.65 -20.45 17.50
CA GLU A 6 -25.76 -20.25 18.63
C GLU A 6 -25.33 -18.78 18.75
N THR A 7 -25.11 -18.32 19.98
CA THR A 7 -24.70 -16.94 20.17
C THR A 7 -23.19 -16.79 20.01
N VAL A 8 -22.77 -15.57 19.73
CA VAL A 8 -21.35 -15.22 19.69
C VAL A 8 -20.93 -14.83 21.11
N PRO A 9 -19.87 -15.47 21.64
CA PRO A 9 -19.46 -15.09 22.99
C PRO A 9 -18.89 -13.68 22.96
N VAL A 10 -19.19 -12.90 24.00
CA VAL A 10 -18.79 -11.50 24.02
C VAL A 10 -18.21 -11.15 25.39
N LYS A 11 -17.24 -10.25 25.41
CA LYS A 11 -16.65 -9.84 26.67
C LYS A 11 -16.43 -8.35 26.68
N LEU A 12 -16.33 -7.80 27.87
CA LEU A 12 -15.94 -6.41 28.06
C LEU A 12 -14.43 -6.33 27.91
N LYS A 13 -13.89 -5.11 27.84
CA LYS A 13 -12.46 -4.92 27.70
C LYS A 13 -11.74 -5.36 28.97
N PRO A 14 -10.50 -5.88 28.82
CA PRO A 14 -9.73 -6.59 29.85
C PRO A 14 -9.93 -6.07 31.28
N GLY A 15 -9.63 -4.80 31.53
CA GLY A 15 -9.76 -4.30 32.89
C GLY A 15 -10.95 -3.39 33.09
N MET A 16 -12.16 -3.92 32.93
CA MET A 16 -13.34 -3.08 32.95
C MET A 16 -14.60 -3.83 33.38
N ASP A 17 -15.47 -3.13 34.09
CA ASP A 17 -16.76 -3.68 34.49
C ASP A 17 -17.87 -3.08 33.61
N GLY A 18 -19.08 -3.59 33.78
CA GLY A 18 -20.24 -3.13 33.03
C GLY A 18 -20.61 -1.69 33.35
N PRO A 19 -21.45 -1.07 32.51
CA PRO A 19 -21.78 0.32 32.76
C PRO A 19 -22.72 0.45 33.96
N LYS A 20 -22.75 1.64 34.55
CA LYS A 20 -23.57 1.96 35.71
C LYS A 20 -24.00 3.41 35.63
N VAL A 21 -24.72 3.75 34.57
CA VAL A 21 -25.17 5.10 34.34
C VAL A 21 -26.58 5.23 34.92
N LYS A 22 -26.81 6.31 35.66
CA LYS A 22 -28.08 6.54 36.33
C LYS A 22 -29.15 6.99 35.34
N GLN A 23 -30.34 6.43 35.45
CA GLN A 23 -31.44 6.79 34.56
C GLN A 23 -31.93 8.20 34.86
N TRP A 24 -32.01 9.02 33.82
CA TRP A 24 -32.60 10.36 33.93
C TRP A 24 -34.11 10.25 34.13
N PRO A 25 -34.69 11.12 34.98
CA PRO A 25 -36.14 11.13 35.16
C PRO A 25 -36.85 11.56 33.88
N LEU A 26 -37.95 10.89 33.53
CA LEU A 26 -38.65 11.15 32.28
C LEU A 26 -40.08 11.65 32.51
N THR A 27 -40.59 12.43 31.54
CA THR A 27 -41.98 12.86 31.57
C THR A 27 -42.93 11.65 31.51
N GLU A 28 -44.17 11.86 31.94
CA GLU A 28 -45.16 10.78 32.01
C GLU A 28 -45.50 10.14 30.66
N GLU A 29 -45.76 10.94 29.64
CA GLU A 29 -46.08 10.35 28.33
C GLU A 29 -44.94 9.44 27.83
N LYS A 30 -43.69 9.82 28.07
CA LYS A 30 -42.57 9.01 27.63
C LYS A 30 -42.44 7.75 28.48
N ILE A 31 -42.78 7.85 29.76
CA ILE A 31 -42.81 6.67 30.60
C ILE A 31 -43.89 5.69 30.10
N LYS A 32 -45.04 6.23 29.72
CA LYS A 32 -46.12 5.40 29.17
C LYS A 32 -45.68 4.67 27.90
N ALA A 33 -45.27 5.42 26.88
CA ALA A 33 -44.68 4.86 25.66
C ALA A 33 -43.70 3.72 25.93
N LEU A 34 -42.79 3.92 26.88
CA LEU A 34 -41.79 2.89 27.17
C LEU A 34 -42.39 1.65 27.79
N VAL A 35 -43.30 1.86 28.73
CA VAL A 35 -43.94 0.72 29.38
C VAL A 35 -44.64 -0.12 28.32
N GLU A 36 -45.27 0.57 27.38
CA GLU A 36 -46.04 -0.11 26.35
C GLU A 36 -45.13 -0.84 25.35
N ILE A 37 -44.07 -0.17 24.91
CA ILE A 37 -43.09 -0.79 24.02
C ILE A 37 -42.43 -1.99 24.67
N CYS A 38 -41.98 -1.82 25.92
CA CYS A 38 -41.25 -2.88 26.58
C CYS A 38 -42.17 -4.07 26.87
N THR A 39 -43.42 -3.79 27.24
CA THR A 39 -44.41 -4.85 27.45
C THR A 39 -44.51 -5.77 26.24
N GLU A 40 -44.60 -5.19 25.05
CA GLU A 40 -44.61 -5.99 23.83
C GLU A 40 -43.28 -6.72 23.62
N MET A 41 -42.17 -6.00 23.69
CA MET A 41 -40.85 -6.61 23.50
C MET A 41 -40.70 -7.76 24.47
N GLU A 42 -41.18 -7.57 25.69
CA GLU A 42 -41.06 -8.61 26.71
C GLU A 42 -41.82 -9.86 26.31
N LYS A 43 -43.03 -9.69 25.78
CA LYS A 43 -43.88 -10.82 25.40
C LYS A 43 -43.28 -11.61 24.23
N GLU A 44 -42.53 -10.92 23.38
CA GLU A 44 -41.86 -11.56 22.24
C GLU A 44 -40.51 -12.15 22.62
N GLY A 45 -40.08 -11.91 23.84
CA GLY A 45 -38.85 -12.47 24.35
C GLY A 45 -37.60 -11.66 24.08
N LYS A 46 -37.77 -10.49 23.47
CA LYS A 46 -36.65 -9.59 23.14
C LYS A 46 -35.95 -9.06 24.39
N ILE A 47 -36.71 -8.86 25.46
CA ILE A 47 -36.13 -8.44 26.73
C ILE A 47 -36.72 -9.26 27.85
N SER A 48 -36.04 -9.28 28.99
CA SER A 48 -36.55 -9.98 30.16
C SER A 48 -36.45 -9.07 31.37
N LYS A 49 -37.44 -9.19 32.26
CA LYS A 49 -37.41 -8.44 33.52
C LYS A 49 -36.31 -9.01 34.41
N ILE A 50 -35.63 -8.14 35.13
CA ILE A 50 -34.57 -8.60 36.02
C ILE A 50 -34.80 -8.13 37.44
N GLY A 51 -33.93 -8.57 38.35
CA GLY A 51 -34.05 -8.20 39.75
C GLY A 51 -33.25 -6.97 40.11
N PRO A 52 -33.23 -6.61 41.40
CA PRO A 52 -32.49 -5.45 41.92
C PRO A 52 -31.01 -5.76 42.04
N GLU A 53 -30.67 -7.04 42.11
CA GLU A 53 -29.28 -7.46 42.34
C GLU A 53 -28.35 -7.05 41.18
N ASN A 54 -28.83 -7.20 39.95
CA ASN A 54 -28.09 -6.72 38.78
C ASN A 54 -27.70 -5.26 38.98
N PRO A 55 -26.40 -5.01 39.19
CA PRO A 55 -25.88 -3.67 39.52
C PRO A 55 -25.75 -2.71 38.35
N TYR A 56 -25.95 -3.18 37.12
CA TYR A 56 -25.70 -2.33 35.95
C TYR A 56 -26.93 -1.58 35.43
N ASN A 57 -26.68 -0.44 34.80
CA ASN A 57 -27.73 0.30 34.12
C ASN A 57 -27.25 1.12 32.92
N THR A 58 -28.14 1.34 31.96
CA THR A 58 -27.88 2.21 30.81
C THR A 58 -29.13 3.03 30.56
N PRO A 59 -28.98 4.33 30.30
CA PRO A 59 -30.15 5.19 30.11
C PRO A 59 -31.02 4.81 28.92
N VAL A 60 -32.33 4.92 29.07
CA VAL A 60 -33.25 4.77 27.95
C VAL A 60 -34.07 6.04 27.76
N PHE A 61 -34.51 6.28 26.53
CA PHE A 61 -35.32 7.44 26.17
C PHE A 61 -36.39 7.03 25.15
N ALA A 62 -37.36 7.91 24.92
CA ALA A 62 -38.44 7.65 23.97
C ALA A 62 -38.68 8.92 23.18
N ILE A 63 -38.91 8.77 21.89
CA ILE A 63 -39.10 9.95 21.04
C ILE A 63 -40.21 9.73 20.02
N LYS A 64 -41.14 10.69 19.97
CA LYS A 64 -42.28 10.63 19.08
C LYS A 64 -41.83 10.77 17.63
N LYS A 65 -42.15 9.77 16.82
CA LYS A 65 -41.71 9.69 15.42
C LYS A 65 -41.98 10.96 14.61
N SER A 68 -45.39 12.03 12.37
CA SER A 68 -46.07 10.78 12.73
C SER A 68 -46.60 10.81 14.17
N THR A 69 -47.38 9.80 14.53
CA THR A 69 -47.92 9.67 15.87
C THR A 69 -47.51 8.36 16.54
N LYS A 70 -46.25 8.00 16.39
CA LYS A 70 -45.73 6.78 16.99
C LYS A 70 -44.48 7.06 17.82
N TRP A 71 -44.32 6.30 18.91
CA TRP A 71 -43.16 6.42 19.79
C TRP A 71 -42.09 5.39 19.47
N ARG A 72 -40.83 5.79 19.60
CA ARG A 72 -39.71 4.86 19.44
C ARG A 72 -38.83 4.81 20.69
N LYS A 73 -38.37 3.62 21.04
CA LYS A 73 -37.50 3.41 22.20
C LYS A 73 -36.02 3.56 21.84
N LEU A 74 -35.33 4.49 22.51
CA LEU A 74 -33.90 4.74 22.27
C LEU A 74 -33.03 4.39 23.46
N VAL A 75 -32.00 3.59 23.23
CA VAL A 75 -31.07 3.26 24.30
C VAL A 75 -29.71 3.92 24.06
N ASP A 76 -29.26 4.73 25.01
CA ASP A 76 -27.96 5.37 24.90
C ASP A 76 -26.87 4.41 25.36
N PHE A 77 -26.29 3.66 24.43
CA PHE A 77 -25.29 2.66 24.79
C PHE A 77 -23.81 3.15 24.76
N ARG A 78 -23.57 4.44 24.97
CA ARG A 78 -22.18 4.92 24.91
C ARG A 78 -21.30 4.28 25.98
N GLU A 79 -21.80 4.20 27.19
CA GLU A 79 -20.96 3.70 28.26
C GLU A 79 -20.63 2.23 27.99
N LEU A 80 -21.66 1.44 27.68
CA LEU A 80 -21.49 0.03 27.34
C LEU A 80 -20.53 -0.13 26.16
N ASN A 81 -20.76 0.64 25.10
CA ASN A 81 -19.94 0.59 23.89
C ASN A 81 -18.46 0.87 24.21
N LYS A 82 -18.23 1.89 25.03
CA LYS A 82 -16.90 2.20 25.52
C LYS A 82 -16.29 0.98 26.19
N ARG A 83 -17.09 0.19 26.88
CA ARG A 83 -16.57 -0.90 27.67
C ARG A 83 -16.54 -2.25 26.95
N THR A 84 -17.12 -2.31 25.76
CA THR A 84 -17.24 -3.57 25.02
C THR A 84 -16.00 -3.82 24.14
N GLN A 85 -15.63 -5.08 23.99
CA GLN A 85 -14.49 -5.45 23.17
C GLN A 85 -14.67 -4.96 21.75
N ASP A 86 -13.56 -4.87 21.02
CA ASP A 86 -13.62 -4.62 19.59
C ASP A 86 -14.08 -5.89 18.90
N PHE A 87 -14.63 -5.75 17.69
CA PHE A 87 -15.12 -6.88 16.93
C PHE A 87 -14.50 -6.87 15.53
N TRP A 88 -14.57 -8.02 14.85
CA TRP A 88 -14.14 -8.09 13.45
C TRP A 88 -14.88 -7.09 12.60
N GLU A 89 -14.13 -6.22 11.94
CA GLU A 89 -14.73 -5.15 11.18
C GLU A 89 -15.66 -5.70 10.12
N VAL A 90 -16.83 -5.07 10.05
CA VAL A 90 -17.84 -5.43 9.08
C VAL A 90 -17.74 -4.47 7.87
N GLN A 91 -17.31 -3.24 8.13
CA GLN A 91 -17.28 -2.19 7.11
C GLN A 91 -16.03 -2.31 6.26
N LEU A 92 -15.88 -3.39 5.52
CA LEU A 92 -14.59 -3.62 4.89
C LEU A 92 -14.58 -3.32 3.39
N GLY A 93 -15.71 -2.91 2.86
CA GLY A 93 -15.80 -2.68 1.43
C GLY A 93 -17.08 -3.22 0.83
N ILE A 94 -17.52 -2.57 -0.24
CA ILE A 94 -18.72 -3.02 -0.96
C ILE A 94 -18.37 -3.38 -2.41
N PRO A 95 -19.20 -4.24 -3.02
CA PRO A 95 -18.96 -4.61 -4.41
C PRO A 95 -19.18 -3.43 -5.33
N HIS A 96 -18.42 -3.35 -6.41
CA HIS A 96 -18.79 -2.39 -7.45
C HIS A 96 -19.73 -3.10 -8.43
N PRO A 97 -20.82 -2.44 -8.83
CA PRO A 97 -21.73 -3.13 -9.77
C PRO A 97 -21.03 -3.71 -11.00
N ALA A 98 -19.97 -3.07 -11.49
CA ALA A 98 -19.33 -3.52 -12.73
C ALA A 98 -18.68 -4.88 -12.59
N GLY A 99 -18.49 -5.31 -11.34
CA GLY A 99 -17.91 -6.63 -11.09
C GLY A 99 -18.93 -7.75 -10.97
N LEU A 100 -20.21 -7.39 -10.91
CA LEU A 100 -21.27 -8.40 -10.83
C LEU A 100 -21.47 -9.13 -12.15
N LYS A 101 -21.96 -10.37 -12.09
CA LYS A 101 -22.31 -11.12 -13.29
C LYS A 101 -23.81 -10.96 -13.60
N LYS A 102 -24.16 -10.81 -14.88
CA LYS A 102 -25.54 -10.63 -15.30
C LYS A 102 -26.46 -11.79 -14.84
N LYS A 103 -27.69 -11.46 -14.44
CA LYS A 103 -28.65 -12.50 -14.02
C LYS A 103 -29.97 -12.35 -14.75
N LYS A 104 -30.67 -13.45 -14.94
CA LYS A 104 -32.05 -13.40 -15.42
C LYS A 104 -32.99 -12.71 -14.43
N SER A 105 -32.90 -13.08 -13.15
CA SER A 105 -33.74 -12.49 -12.09
C SER A 105 -32.94 -12.14 -10.83
N VAL A 106 -33.29 -11.02 -10.19
CA VAL A 106 -32.76 -10.70 -8.87
C VAL A 106 -33.88 -10.22 -7.96
N THR A 107 -33.95 -10.81 -6.76
CA THR A 107 -35.02 -10.51 -5.81
C THR A 107 -34.42 -9.92 -4.55
N VAL A 108 -35.02 -8.87 -4.01
CA VAL A 108 -34.57 -8.38 -2.71
C VAL A 108 -35.53 -8.82 -1.60
N LEU A 109 -34.94 -9.30 -0.51
CA LEU A 109 -35.68 -9.71 0.67
C LEU A 109 -35.13 -8.97 1.87
N ASP A 110 -35.94 -8.20 2.56
CA ASP A 110 -35.45 -7.56 3.77
C ASP A 110 -35.88 -8.37 4.99
N VAL A 111 -34.97 -8.60 5.92
CA VAL A 111 -35.24 -9.31 7.17
C VAL A 111 -35.95 -8.37 8.15
N GLY A 112 -37.11 -8.82 8.68
CA GLY A 112 -37.88 -8.00 9.59
C GLY A 112 -37.27 -8.02 10.98
N ASP A 113 -37.24 -6.87 11.64
CA ASP A 113 -36.66 -6.72 12.97
C ASP A 113 -35.36 -7.49 13.10
N ALA A 114 -34.44 -7.24 12.18
CA ALA A 114 -33.21 -7.99 12.05
C ALA A 114 -32.48 -8.18 13.39
N TYR A 115 -32.02 -7.09 14.02
CA TYR A 115 -31.23 -7.23 15.23
C TYR A 115 -32.01 -7.97 16.31
N PHE A 116 -33.28 -7.60 16.47
CA PHE A 116 -34.12 -8.20 17.50
C PHE A 116 -34.42 -9.67 17.23
N SER A 117 -34.01 -10.18 16.07
CA SER A 117 -34.24 -11.57 15.72
C SER A 117 -33.01 -12.42 15.96
N VAL A 118 -31.99 -11.85 16.61
CA VAL A 118 -30.76 -12.59 16.88
C VAL A 118 -30.39 -12.53 18.36
N PRO A 119 -30.13 -13.71 18.96
CA PRO A 119 -29.88 -13.81 20.40
C PRO A 119 -28.54 -13.23 20.81
N LEU A 120 -28.49 -12.70 22.02
CA LEU A 120 -27.28 -12.11 22.57
C LEU A 120 -26.64 -13.08 23.56
N ASP A 121 -25.31 -13.14 23.56
CA ASP A 121 -24.57 -13.98 24.50
C ASP A 121 -25.18 -13.96 25.91
N GLU A 122 -25.66 -15.12 26.35
CA GLU A 122 -26.26 -15.29 27.68
C GLU A 122 -25.47 -14.58 28.77
N ASP A 123 -24.17 -14.84 28.80
CA ASP A 123 -23.30 -14.35 29.85
C ASP A 123 -23.06 -12.84 29.76
N PHE A 124 -23.53 -12.24 28.66
CA PHE A 124 -23.34 -10.81 28.43
C PHE A 124 -24.62 -10.00 28.64
N ARG A 125 -25.77 -10.68 28.64
CA ARG A 125 -27.07 -10.00 28.76
C ARG A 125 -27.14 -9.04 29.94
N LYS A 126 -26.68 -9.49 31.10
CA LYS A 126 -26.72 -8.68 32.32
C LYS A 126 -26.20 -7.25 32.12
N TYR A 127 -25.20 -7.09 31.26
CA TYR A 127 -24.56 -5.78 31.08
C TYR A 127 -25.43 -4.81 30.29
N THR A 128 -26.50 -5.31 29.68
CA THR A 128 -27.38 -4.45 28.89
C THR A 128 -28.60 -4.01 29.68
N ALA A 129 -28.59 -4.22 30.99
CA ALA A 129 -29.71 -3.84 31.82
C ALA A 129 -30.08 -2.37 31.64
N PHE A 130 -31.37 -2.08 31.56
CA PHE A 130 -31.87 -0.70 31.59
C PHE A 130 -33.07 -0.57 32.53
N THR A 131 -33.56 0.65 32.72
CA THR A 131 -34.58 0.92 33.73
C THR A 131 -35.61 1.94 33.23
N ILE A 132 -36.88 1.56 33.20
CA ILE A 132 -37.94 2.51 32.95
C ILE A 132 -38.24 3.20 34.26
N PRO A 133 -38.00 4.51 34.34
CA PRO A 133 -38.12 5.18 35.64
C PRO A 133 -39.56 5.34 36.06
N SER A 134 -39.84 5.26 37.36
CA SER A 134 -41.18 5.57 37.86
C SER A 134 -41.46 7.06 37.67
N ILE A 135 -42.71 7.47 37.88
CA ILE A 135 -43.10 8.86 37.69
C ILE A 135 -42.46 9.75 38.76
N ASN A 136 -41.76 10.80 38.32
CA ASN A 136 -40.97 11.62 39.22
C ASN A 136 -39.99 10.81 40.09
N ASN A 137 -39.67 9.60 39.65
CA ASN A 137 -38.70 8.75 40.35
C ASN A 137 -38.99 8.51 41.82
N GLU A 138 -40.27 8.37 42.17
CA GLU A 138 -40.63 8.07 43.55
C GLU A 138 -40.36 6.61 43.91
N THR A 139 -40.82 5.70 43.07
CA THR A 139 -40.64 4.27 43.32
C THR A 139 -39.53 3.68 42.45
N PRO A 140 -39.07 2.46 42.79
CA PRO A 140 -38.10 1.76 41.93
C PRO A 140 -38.64 1.61 40.50
N GLY A 141 -37.75 1.67 39.51
CA GLY A 141 -38.17 1.57 38.13
C GLY A 141 -38.34 0.12 37.73
N ILE A 142 -38.99 -0.11 36.59
CA ILE A 142 -39.07 -1.45 36.02
C ILE A 142 -37.75 -1.77 35.31
N ARG A 143 -37.15 -2.92 35.64
CA ARG A 143 -35.85 -3.31 35.10
C ARG A 143 -35.94 -4.43 34.07
N TYR A 144 -35.30 -4.21 32.93
CA TYR A 144 -35.14 -5.21 31.90
C TYR A 144 -33.66 -5.37 31.47
N GLN A 145 -33.31 -6.52 30.91
CA GLN A 145 -32.10 -6.65 30.14
C GLN A 145 -32.45 -7.25 28.77
N TYR A 146 -31.54 -7.11 27.80
CA TYR A 146 -31.78 -7.62 26.46
C TYR A 146 -31.45 -9.12 26.34
N ASN A 147 -32.25 -9.84 25.55
CA ASN A 147 -31.93 -11.22 25.19
C ASN A 147 -31.49 -11.28 23.74
N VAL A 148 -31.63 -10.15 23.05
CA VAL A 148 -31.28 -10.05 21.63
C VAL A 148 -30.34 -8.88 21.33
N LEU A 149 -29.82 -8.81 20.11
CA LEU A 149 -28.90 -7.73 19.73
C LEU A 149 -29.59 -6.39 19.86
N PRO A 150 -29.09 -5.52 20.73
CA PRO A 150 -29.75 -4.21 20.85
C PRO A 150 -29.37 -3.26 19.72
N GLN A 151 -30.28 -2.34 19.40
CA GLN A 151 -30.03 -1.29 18.43
C GLN A 151 -29.09 -0.23 19.00
N GLY A 152 -28.00 0.05 18.31
CA GLY A 152 -27.04 1.04 18.77
C GLY A 152 -25.93 0.49 19.65
N TRP A 153 -25.90 -0.82 19.84
CA TRP A 153 -24.79 -1.44 20.55
C TRP A 153 -23.69 -1.89 19.59
N LYS A 154 -22.46 -1.81 20.07
CA LYS A 154 -21.25 -1.91 19.24
C LYS A 154 -21.19 -3.20 18.45
N GLY A 155 -21.54 -4.31 19.09
CA GLY A 155 -21.42 -5.61 18.47
C GLY A 155 -22.52 -6.03 17.51
N SER A 156 -23.63 -5.30 17.49
CA SER A 156 -24.81 -5.74 16.73
C SER A 156 -24.56 -5.96 15.24
N PRO A 157 -24.04 -4.94 14.53
CA PRO A 157 -23.77 -5.06 13.10
C PRO A 157 -22.98 -6.32 12.76
N ALA A 158 -21.84 -6.52 13.44
CA ALA A 158 -20.97 -7.65 13.15
C ALA A 158 -21.60 -8.99 13.54
N ILE A 159 -22.27 -9.03 14.68
CA ILE A 159 -22.88 -10.29 15.11
C ILE A 159 -24.05 -10.64 14.19
N PHE A 160 -24.88 -9.65 13.86
CA PHE A 160 -25.93 -9.94 12.89
C PHE A 160 -25.41 -10.53 11.58
N GLN A 161 -24.35 -9.93 11.05
CA GLN A 161 -23.86 -10.38 9.76
C GLN A 161 -23.24 -11.77 9.84
N SER A 162 -22.52 -12.07 10.90
CA SER A 162 -21.93 -13.40 11.02
C SER A 162 -23.00 -14.48 11.22
N SER A 163 -24.06 -14.13 11.96
CA SER A 163 -25.22 -15.02 12.08
C SER A 163 -25.88 -15.26 10.72
N MET A 164 -26.13 -14.20 9.95
CA MET A 164 -26.76 -14.38 8.63
C MET A 164 -25.92 -15.30 7.75
N THR A 165 -24.59 -15.18 7.87
CA THR A 165 -23.65 -15.95 7.06
C THR A 165 -23.71 -17.44 7.42
N LYS A 166 -23.69 -17.74 8.71
CA LYS A 166 -23.82 -19.12 9.13
C LYS A 166 -25.16 -19.69 8.66
N ILE A 167 -26.24 -18.92 8.80
CA ILE A 167 -27.56 -19.39 8.39
C ILE A 167 -27.64 -19.67 6.90
N LEU A 168 -26.93 -18.89 6.09
CA LEU A 168 -27.06 -19.00 4.64
C LEU A 168 -26.24 -20.16 4.15
N GLU A 169 -25.30 -20.56 4.99
CA GLU A 169 -24.27 -21.51 4.62
C GLU A 169 -24.86 -22.82 4.06
N PRO A 170 -25.77 -23.46 4.81
CA PRO A 170 -26.27 -24.71 4.21
C PRO A 170 -27.00 -24.45 2.91
N PHE A 171 -27.78 -23.36 2.85
CA PHE A 171 -28.53 -23.08 1.63
C PHE A 171 -27.61 -22.86 0.44
N ARG A 172 -26.47 -22.21 0.68
CA ARG A 172 -25.57 -21.92 -0.42
C ARG A 172 -24.94 -23.22 -0.90
N LYS A 173 -24.57 -24.08 0.04
CA LYS A 173 -23.99 -25.37 -0.30
C LYS A 173 -24.94 -26.18 -1.19
N GLN A 174 -26.23 -26.04 -0.93
CA GLN A 174 -27.25 -26.80 -1.65
C GLN A 174 -27.63 -26.19 -2.99
N ASN A 175 -27.47 -24.87 -3.10
CA ASN A 175 -27.80 -24.17 -4.34
C ASN A 175 -26.62 -23.34 -4.83
N PRO A 176 -25.56 -24.02 -5.28
CA PRO A 176 -24.29 -23.38 -5.65
C PRO A 176 -24.43 -22.36 -6.78
N ASP A 177 -25.48 -22.48 -7.60
CA ASP A 177 -25.70 -21.58 -8.74
C ASP A 177 -26.62 -20.42 -8.40
N ILE A 178 -27.04 -20.32 -7.15
CA ILE A 178 -27.78 -19.15 -6.69
C ILE A 178 -26.81 -18.21 -6.00
N VAL A 179 -26.86 -16.93 -6.36
CA VAL A 179 -25.92 -15.94 -5.87
C VAL A 179 -26.60 -15.02 -4.86
N ILE A 180 -26.03 -14.92 -3.69
CA ILE A 180 -26.67 -14.13 -2.65
C ILE A 180 -25.71 -13.05 -2.14
N TYR A 181 -26.17 -11.81 -2.05
CA TYR A 181 -25.36 -10.77 -1.44
C TYR A 181 -26.04 -10.17 -0.20
N GLN A 182 -25.29 -10.12 0.91
CA GLN A 182 -25.80 -9.60 2.18
C GLN A 182 -25.40 -8.16 2.39
N TYR A 183 -26.37 -7.32 2.74
CA TYR A 183 -26.03 -5.95 3.08
C TYR A 183 -26.96 -5.44 4.18
N MET A 184 -26.41 -5.11 5.33
CA MET A 184 -27.24 -4.72 6.44
C MET A 184 -28.33 -5.77 6.60
N ASP A 185 -29.59 -5.37 6.60
CA ASP A 185 -30.65 -6.36 6.78
C ASP A 185 -31.33 -6.79 5.48
N ASP A 186 -30.69 -6.51 4.33
CA ASP A 186 -31.19 -6.96 3.03
C ASP A 186 -30.43 -8.15 2.46
N LEU A 187 -31.07 -8.86 1.55
CA LEU A 187 -30.42 -9.95 0.84
C LEU A 187 -30.79 -9.77 -0.62
N TYR A 188 -29.78 -9.78 -1.50
CA TYR A 188 -30.01 -9.76 -2.95
C TYR A 188 -29.79 -11.16 -3.46
N VAL A 189 -30.79 -11.71 -4.16
CA VAL A 189 -30.76 -13.12 -4.54
C VAL A 189 -30.96 -13.23 -6.06
N GLY A 190 -29.91 -13.68 -6.75
CA GLY A 190 -29.94 -13.67 -8.19
C GLY A 190 -29.83 -15.07 -8.74
N SER A 191 -30.47 -15.33 -9.87
CA SER A 191 -30.30 -16.63 -10.52
C SER A 191 -30.47 -16.57 -12.03
N ASP A 192 -30.07 -17.64 -12.70
CA ASP A 192 -30.31 -17.76 -14.13
C ASP A 192 -31.47 -18.70 -14.46
N LEU A 193 -32.30 -19.00 -13.46
CA LEU A 193 -33.47 -19.86 -13.66
C LEU A 193 -34.58 -19.09 -14.36
N GLU A 194 -35.46 -19.82 -15.05
CA GLU A 194 -36.64 -19.23 -15.69
C GLU A 194 -37.61 -18.76 -14.60
N ILE A 195 -38.48 -17.82 -14.96
CA ILE A 195 -39.23 -17.03 -13.98
C ILE A 195 -39.97 -17.85 -12.93
N GLY A 196 -40.51 -19.00 -13.34
CA GLY A 196 -41.25 -19.87 -12.45
C GLY A 196 -40.38 -20.53 -11.39
N GLN A 197 -39.30 -21.17 -11.82
CA GLN A 197 -38.40 -21.87 -10.90
C GLN A 197 -37.57 -20.91 -10.02
N HIS A 198 -37.36 -19.69 -10.51
CA HIS A 198 -36.72 -18.66 -9.69
C HIS A 198 -37.60 -18.36 -8.48
N ARG A 199 -38.87 -18.08 -8.73
CA ARG A 199 -39.84 -17.80 -7.66
C ARG A 199 -39.87 -18.94 -6.66
N THR A 200 -39.75 -20.15 -7.18
CA THR A 200 -39.82 -21.33 -6.32
C THR A 200 -38.61 -21.32 -5.40
N LYS A 201 -37.46 -20.98 -5.98
CA LYS A 201 -36.21 -20.98 -5.24
C LYS A 201 -36.23 -19.88 -4.16
N ILE A 202 -36.84 -18.75 -4.47
CA ILE A 202 -36.98 -17.70 -3.47
C ILE A 202 -37.84 -18.22 -2.32
N GLU A 203 -38.93 -18.89 -2.67
CA GLU A 203 -39.79 -19.44 -1.64
C GLU A 203 -39.03 -20.39 -0.72
N GLU A 204 -38.20 -21.26 -1.29
CA GLU A 204 -37.38 -22.15 -0.46
C GLU A 204 -36.40 -21.38 0.44
N LEU A 205 -35.82 -20.30 -0.07
CA LEU A 205 -34.93 -19.47 0.73
C LEU A 205 -35.70 -18.89 1.91
N ARG A 206 -36.85 -18.30 1.63
CA ARG A 206 -37.68 -17.72 2.69
C ARG A 206 -37.99 -18.76 3.77
N GLN A 207 -38.28 -19.98 3.33
CA GLN A 207 -38.65 -21.05 4.25
C GLN A 207 -37.46 -21.49 5.07
N HIS A 208 -36.30 -21.50 4.41
CA HIS A 208 -35.08 -21.80 5.12
C HIS A 208 -34.78 -20.71 6.15
N LEU A 209 -34.94 -19.45 5.73
CA LEU A 209 -34.70 -18.31 6.60
C LEU A 209 -35.66 -18.37 7.79
N LEU A 210 -36.94 -18.58 7.50
CA LEU A 210 -37.95 -18.66 8.55
C LEU A 210 -37.65 -19.80 9.52
N ARG A 211 -37.16 -20.92 9.00
CA ARG A 211 -36.78 -22.02 9.87
C ARG A 211 -35.75 -21.56 10.90
N TRP A 212 -34.94 -20.56 10.53
CA TRP A 212 -33.90 -20.06 11.41
C TRP A 212 -34.24 -18.74 12.09
N GLY A 213 -35.53 -18.44 12.16
CA GLY A 213 -36.01 -17.32 12.94
C GLY A 213 -36.10 -15.96 12.23
N LEU A 214 -35.95 -15.97 10.91
CA LEU A 214 -35.88 -14.72 10.15
C LEU A 214 -37.06 -14.56 9.18
N THR A 215 -37.86 -13.53 9.39
CA THR A 215 -39.04 -13.31 8.56
C THR A 215 -38.68 -12.40 7.39
N THR A 216 -39.39 -12.52 6.27
CA THR A 216 -39.09 -11.77 5.06
C THR A 216 -40.41 -11.50 4.32
N PRO A 217 -40.42 -10.48 3.43
CA PRO A 217 -41.64 -10.20 2.68
C PRO A 217 -41.97 -11.34 1.70
N ASP A 218 -43.27 -11.61 1.52
CA ASP A 218 -43.71 -12.60 0.54
C ASP A 218 -43.73 -11.98 -0.86
N LYS A 219 -43.97 -12.80 -1.87
CA LYS A 219 -43.89 -12.30 -3.25
C LYS A 219 -44.68 -11.00 -3.44
N LYS A 220 -45.85 -10.93 -2.85
CA LYS A 220 -46.70 -9.75 -3.00
C LYS A 220 -46.00 -8.50 -2.52
N HIS A 221 -45.20 -8.66 -1.46
CA HIS A 221 -44.60 -7.50 -0.80
C HIS A 221 -43.14 -7.23 -1.16
N GLN A 222 -42.57 -8.04 -2.04
CA GLN A 222 -41.18 -7.85 -2.47
C GLN A 222 -41.02 -6.70 -3.47
N LYS A 223 -40.01 -5.86 -3.27
CA LYS A 223 -39.77 -4.71 -4.15
C LYS A 223 -39.48 -5.15 -5.58
N GLU A 224 -39.85 -4.31 -6.53
CA GLU A 224 -39.55 -4.57 -7.93
C GLU A 224 -38.32 -3.75 -8.33
N PRO A 225 -37.54 -4.31 -9.28
CA PRO A 225 -36.34 -3.63 -9.83
C PRO A 225 -36.75 -2.33 -10.50
N PRO A 226 -35.80 -1.40 -10.73
CA PRO A 226 -34.40 -1.46 -10.34
C PRO A 226 -34.24 -1.17 -8.85
N PHE A 227 -33.18 -1.73 -8.27
CA PHE A 227 -32.94 -1.57 -6.85
C PHE A 227 -31.98 -0.42 -6.61
N LEU A 228 -32.31 0.43 -5.64
CA LEU A 228 -31.41 1.51 -5.23
C LEU A 228 -30.53 1.08 -4.06
N TRP A 229 -29.22 1.15 -4.25
CA TRP A 229 -28.25 0.69 -3.27
C TRP A 229 -26.96 1.47 -3.42
N MET A 230 -26.46 2.05 -2.32
CA MET A 230 -25.14 2.69 -2.27
C MET A 230 -24.91 3.72 -3.39
N GLY A 231 -25.98 4.36 -3.82
CA GLY A 231 -25.92 5.42 -4.81
C GLY A 231 -25.99 4.89 -6.22
N TYR A 232 -26.26 3.60 -6.36
CA TYR A 232 -26.46 2.97 -7.65
C TYR A 232 -27.91 2.58 -7.85
N GLU A 233 -28.20 2.16 -9.06
CA GLU A 233 -29.53 1.72 -9.43
C GLU A 233 -29.29 0.50 -10.27
N LEU A 234 -29.84 -0.65 -9.83
CA LEU A 234 -29.49 -1.92 -10.44
C LEU A 234 -30.64 -2.76 -10.99
N HIS A 235 -30.50 -3.14 -12.25
CA HIS A 235 -31.36 -4.13 -12.89
C HIS A 235 -30.56 -5.42 -12.95
N PRO A 236 -31.21 -6.54 -13.28
CA PRO A 236 -30.54 -7.83 -13.44
C PRO A 236 -29.51 -7.83 -14.59
N ASP A 237 -29.66 -6.90 -15.52
CA ASP A 237 -28.90 -6.94 -16.77
C ASP A 237 -28.07 -5.68 -17.06
N LYS A 238 -28.20 -4.66 -16.22
CA LYS A 238 -27.44 -3.41 -16.38
C LYS A 238 -27.50 -2.65 -15.08
N TRP A 239 -26.64 -1.65 -14.94
CA TRP A 239 -26.53 -0.83 -13.74
C TRP A 239 -26.27 0.60 -14.14
N THR A 240 -26.63 1.54 -13.29
CA THR A 240 -26.19 2.92 -13.47
C THR A 240 -26.10 3.63 -12.11
N VAL A 241 -25.77 4.91 -12.11
CA VAL A 241 -25.76 5.68 -10.86
C VAL A 241 -27.16 6.23 -10.66
N GLN A 242 -27.48 6.66 -9.44
CA GLN A 242 -28.83 7.12 -9.15
C GLN A 242 -29.09 8.41 -9.88
N PRO A 243 -30.35 8.67 -10.24
CA PRO A 243 -30.68 9.86 -11.02
C PRO A 243 -30.03 11.12 -10.46
N ILE A 244 -29.37 11.88 -11.32
CA ILE A 244 -28.79 13.15 -10.93
C ILE A 244 -29.40 14.29 -11.73
N VAL A 245 -29.99 15.26 -11.02
CA VAL A 245 -30.45 16.46 -11.70
C VAL A 245 -29.57 17.63 -11.32
N LEU A 246 -28.89 18.20 -12.30
CA LEU A 246 -28.09 19.39 -12.07
C LEU A 246 -29.01 20.59 -12.00
N PRO A 247 -28.93 21.35 -10.90
CA PRO A 247 -29.73 22.57 -10.74
C PRO A 247 -29.55 23.56 -11.90
N GLU A 248 -30.57 24.36 -12.19
CA GLU A 248 -30.41 25.50 -13.08
C GLU A 248 -30.61 26.75 -12.23
N LYS A 249 -29.51 27.44 -11.94
CA LYS A 249 -29.52 28.56 -11.00
C LYS A 249 -28.63 29.65 -11.53
N ASP A 250 -28.93 30.90 -11.18
CA ASP A 250 -28.03 31.99 -11.52
C ASP A 250 -26.89 32.07 -10.51
N SER A 251 -27.22 31.86 -9.24
CA SER A 251 -26.25 32.03 -8.14
C SER A 251 -25.82 30.69 -7.55
N TRP A 252 -24.52 30.50 -7.42
CA TRP A 252 -23.99 29.26 -6.86
C TRP A 252 -23.16 29.54 -5.61
N THR A 253 -23.60 29.01 -4.47
CA THR A 253 -22.82 29.09 -3.26
C THR A 253 -21.72 28.04 -3.27
N VAL A 254 -20.75 28.18 -2.38
CA VAL A 254 -19.71 27.17 -2.21
C VAL A 254 -20.40 25.84 -1.91
N ASN A 255 -21.42 25.88 -1.06
CA ASN A 255 -22.16 24.66 -0.77
C ASN A 255 -22.70 24.00 -2.06
N ASP A 256 -23.35 24.79 -2.94
CA ASP A 256 -23.90 24.26 -4.19
C ASP A 256 -22.81 23.66 -5.06
N ILE A 257 -21.70 24.38 -5.19
CA ILE A 257 -20.62 23.92 -6.05
C ILE A 257 -19.98 22.64 -5.49
N GLN A 258 -19.81 22.56 -4.18
CA GLN A 258 -19.27 21.31 -3.61
C GLN A 258 -20.19 20.12 -3.94
N LYS A 259 -21.50 20.33 -3.78
CA LYS A 259 -22.47 19.26 -4.04
C LYS A 259 -22.46 18.85 -5.49
N LEU A 260 -22.38 19.85 -6.37
CA LEU A 260 -22.37 19.61 -7.82
C LEU A 260 -21.14 18.78 -8.19
N VAL A 261 -20.00 19.15 -7.66
CA VAL A 261 -18.75 18.43 -7.94
C VAL A 261 -18.79 16.95 -7.49
N GLY A 262 -19.32 16.71 -6.29
CA GLY A 262 -19.52 15.35 -5.81
C GLY A 262 -20.47 14.58 -6.72
N LYS A 263 -21.57 15.18 -7.12
CA LYS A 263 -22.49 14.51 -8.05
C LYS A 263 -21.78 14.15 -9.35
N LEU A 264 -21.01 15.10 -9.89
CA LEU A 264 -20.29 14.87 -11.15
C LEU A 264 -19.20 13.80 -10.99
N ASN A 265 -18.44 13.89 -9.91
CA ASN A 265 -17.43 12.87 -9.64
C ASN A 265 -18.12 11.49 -9.56
N TRP A 266 -19.28 11.43 -8.95
CA TRP A 266 -19.99 10.15 -8.81
C TRP A 266 -20.44 9.60 -10.17
N ALA A 267 -21.04 10.46 -10.99
CA ALA A 267 -21.51 10.05 -12.31
C ALA A 267 -20.36 9.58 -13.20
N SER A 268 -19.18 10.12 -12.96
CA SER A 268 -18.04 9.84 -13.84
C SER A 268 -17.63 8.38 -13.82
N GLN A 269 -18.19 7.58 -12.93
CA GLN A 269 -17.88 6.15 -12.98
C GLN A 269 -18.66 5.42 -14.07
N ILE A 270 -19.61 6.09 -14.74
CA ILE A 270 -20.27 5.47 -15.88
C ILE A 270 -20.52 6.42 -17.05
N TYR A 271 -20.66 7.71 -16.77
CA TYR A 271 -20.71 8.70 -17.85
C TYR A 271 -19.31 9.15 -18.29
N PRO A 272 -18.86 8.71 -19.48
CA PRO A 272 -17.52 9.04 -20.00
C PRO A 272 -17.36 10.53 -20.31
N GLY A 273 -16.21 11.09 -19.96
CA GLY A 273 -15.91 12.46 -20.34
C GLY A 273 -16.29 13.55 -19.34
N ILE A 274 -17.00 13.18 -18.27
CA ILE A 274 -17.31 14.13 -17.20
C ILE A 274 -16.07 14.95 -16.82
N LYS A 275 -16.21 16.28 -16.72
CA LYS A 275 -15.09 17.14 -16.34
C LYS A 275 -15.44 18.07 -15.19
N VAL A 276 -14.54 18.19 -14.22
CA VAL A 276 -14.78 19.03 -13.07
C VAL A 276 -13.64 20.00 -12.72
N ARG A 277 -12.56 19.96 -13.49
CA ARG A 277 -11.40 20.81 -13.21
C ARG A 277 -11.77 22.29 -13.01
N GLN A 278 -12.46 22.85 -13.99
CA GLN A 278 -12.81 24.27 -13.93
C GLN A 278 -13.69 24.60 -12.74
N LEU A 279 -14.62 23.69 -12.42
CA LEU A 279 -15.46 23.85 -11.24
C LEU A 279 -14.64 23.79 -9.96
N CYS A 280 -13.72 22.84 -9.89
CA CYS A 280 -12.84 22.71 -8.73
C CYS A 280 -11.97 23.95 -8.47
N LYS A 281 -11.45 24.57 -9.53
CA LYS A 281 -10.63 25.77 -9.34
C LYS A 281 -11.42 26.84 -8.60
N LEU A 282 -12.73 26.87 -8.85
CA LEU A 282 -13.61 27.79 -8.15
C LEU A 282 -13.56 27.60 -6.62
N LEU A 283 -13.29 26.39 -6.17
CA LEU A 283 -13.28 26.13 -4.73
C LEU A 283 -11.94 26.50 -4.07
N ARG A 284 -11.00 26.99 -4.87
CA ARG A 284 -9.65 27.26 -4.36
C ARG A 284 -9.65 28.27 -3.23
N GLY A 285 -9.00 27.91 -2.13
CA GLY A 285 -8.95 28.74 -0.94
C GLY A 285 -10.31 29.15 -0.44
N THR A 286 -11.32 28.34 -0.76
CA THR A 286 -12.73 28.66 -0.48
C THR A 286 -13.10 28.51 1.00
N LYS A 287 -13.79 29.52 1.54
CA LYS A 287 -14.06 29.57 2.97
C LYS A 287 -15.54 29.33 3.35
N ALA A 288 -16.37 30.38 3.22
CA ALA A 288 -17.76 30.29 3.66
C ALA A 288 -18.60 29.41 2.73
N LEU A 289 -19.26 28.41 3.30
CA LEU A 289 -20.15 27.56 2.52
C LEU A 289 -21.30 28.39 1.89
N THR A 290 -21.61 29.55 2.47
CA THR A 290 -22.67 30.42 1.96
C THR A 290 -22.17 31.48 0.97
N GLU A 291 -20.87 31.62 0.80
CA GLU A 291 -20.36 32.61 -0.16
C GLU A 291 -20.72 32.22 -1.59
N VAL A 292 -21.28 33.17 -2.33
CA VAL A 292 -21.58 32.92 -3.73
C VAL A 292 -20.34 33.10 -4.59
N ILE A 293 -20.06 32.11 -5.43
CA ILE A 293 -18.92 32.19 -6.33
C ILE A 293 -19.38 32.31 -7.78
N PRO A 294 -19.10 33.45 -8.42
CA PRO A 294 -19.41 33.67 -9.84
C PRO A 294 -18.75 32.59 -10.71
N LEU A 295 -19.51 31.83 -11.48
CA LEU A 295 -18.90 30.85 -12.37
C LEU A 295 -18.09 31.59 -13.43
N THR A 296 -16.87 31.12 -13.71
CA THR A 296 -16.10 31.69 -14.80
C THR A 296 -16.65 31.14 -16.10
N GLU A 297 -16.35 31.83 -17.21
CA GLU A 297 -16.81 31.38 -18.53
C GLU A 297 -16.41 29.93 -18.79
N GLU A 298 -15.19 29.57 -18.41
CA GLU A 298 -14.69 28.20 -18.57
C GLU A 298 -15.48 27.20 -17.71
N ALA A 299 -15.74 27.56 -16.46
CA ALA A 299 -16.56 26.73 -15.58
C ALA A 299 -17.98 26.63 -16.15
N GLU A 300 -18.46 27.74 -16.70
CA GLU A 300 -19.80 27.77 -17.26
C GLU A 300 -19.91 26.83 -18.45
N LEU A 301 -18.85 26.77 -19.25
CA LEU A 301 -18.83 25.88 -20.41
C LEU A 301 -18.68 24.43 -19.97
N GLU A 302 -17.73 24.19 -19.06
CA GLU A 302 -17.52 22.87 -18.46
C GLU A 302 -18.83 22.29 -17.96
N LEU A 303 -19.55 23.07 -17.15
CA LEU A 303 -20.86 22.68 -16.66
C LEU A 303 -21.79 22.29 -17.80
N ALA A 304 -21.76 23.08 -18.88
CA ALA A 304 -22.67 22.87 -19.99
C ALA A 304 -22.31 21.59 -20.73
N GLU A 305 -21.03 21.42 -20.99
CA GLU A 305 -20.46 20.21 -21.56
C GLU A 305 -20.85 18.97 -20.73
N ASN A 306 -21.03 19.17 -19.42
CA ASN A 306 -21.42 18.09 -18.50
C ASN A 306 -22.90 17.80 -18.57
N ARG A 307 -23.69 18.85 -18.41
CA ARG A 307 -25.14 18.79 -18.52
C ARG A 307 -25.57 18.06 -19.79
N GLU A 308 -24.74 18.18 -20.84
CA GLU A 308 -25.00 17.56 -22.14
C GLU A 308 -24.67 16.07 -22.10
N ILE A 309 -23.51 15.73 -21.54
CA ILE A 309 -23.14 14.34 -21.32
C ILE A 309 -24.20 13.59 -20.51
N LEU A 310 -24.81 14.29 -19.55
CA LEU A 310 -25.81 13.70 -18.65
C LEU A 310 -27.20 13.70 -19.24
N LYS A 311 -27.38 14.41 -20.36
CA LYS A 311 -28.69 14.58 -20.97
C LYS A 311 -29.48 13.29 -21.09
N GLU A 312 -28.85 12.26 -21.66
CA GLU A 312 -29.54 10.98 -21.82
C GLU A 312 -28.88 9.84 -21.05
N PRO A 313 -29.72 8.95 -20.50
CA PRO A 313 -29.26 7.86 -19.63
C PRO A 313 -28.18 7.02 -20.26
N VAL A 314 -27.23 6.62 -19.42
CA VAL A 314 -26.18 5.72 -19.80
C VAL A 314 -26.14 4.63 -18.74
N HIS A 315 -26.03 3.37 -19.15
CA HIS A 315 -25.89 2.29 -18.21
C HIS A 315 -24.62 1.53 -18.52
N GLY A 316 -24.06 0.93 -17.49
CA GLY A 316 -22.98 -0.01 -17.65
C GLY A 316 -23.52 -1.41 -17.79
N VAL A 317 -22.71 -2.28 -18.38
CA VAL A 317 -23.02 -3.69 -18.54
C VAL A 317 -22.34 -4.47 -17.41
N TYR A 318 -22.70 -5.75 -17.22
CA TYR A 318 -22.06 -6.60 -16.22
C TYR A 318 -20.89 -7.42 -16.79
N TYR A 319 -20.19 -8.13 -15.89
CA TYR A 319 -18.95 -8.82 -16.20
C TYR A 319 -19.14 -10.25 -16.69
N ASP A 320 -18.44 -10.59 -17.76
CA ASP A 320 -18.38 -11.96 -18.27
C ASP A 320 -16.96 -12.51 -18.09
N PRO A 321 -16.80 -13.44 -17.14
CA PRO A 321 -15.51 -13.96 -16.69
C PRO A 321 -14.74 -14.72 -17.76
N SER A 322 -15.41 -15.13 -18.82
CA SER A 322 -14.73 -15.85 -19.90
C SER A 322 -14.03 -14.92 -20.89
N LYS A 323 -14.19 -13.62 -20.71
CA LYS A 323 -13.61 -12.66 -21.64
C LYS A 323 -12.58 -11.74 -20.99
N ASP A 324 -11.65 -11.25 -21.81
CA ASP A 324 -10.64 -10.31 -21.32
C ASP A 324 -11.27 -8.97 -20.97
N LEU A 325 -10.63 -8.26 -20.05
CA LEU A 325 -10.98 -6.88 -19.74
C LEU A 325 -10.13 -6.00 -20.64
N ILE A 326 -10.72 -4.97 -21.24
CA ILE A 326 -9.92 -4.00 -21.99
C ILE A 326 -10.02 -2.66 -21.30
N ALA A 327 -8.89 -2.02 -21.02
CA ALA A 327 -8.93 -0.67 -20.45
C ALA A 327 -8.29 0.36 -21.39
N GLU A 328 -9.01 1.41 -21.76
CA GLU A 328 -8.44 2.47 -22.59
C GLU A 328 -8.35 3.74 -21.77
N ILE A 329 -7.29 4.50 -22.02
CA ILE A 329 -7.05 5.77 -21.32
C ILE A 329 -6.82 6.88 -22.35
N GLN A 330 -7.37 8.06 -22.11
CA GLN A 330 -7.12 9.24 -22.96
C GLN A 330 -6.72 10.42 -22.10
N LYS A 331 -5.83 11.25 -22.63
CA LYS A 331 -5.50 12.52 -22.01
C LYS A 331 -6.62 13.50 -22.34
N GLN A 332 -7.05 14.30 -21.37
CA GLN A 332 -8.15 15.22 -21.59
C GLN A 332 -7.70 16.67 -21.63
N GLY A 333 -6.96 17.06 -20.61
CA GLY A 333 -6.33 18.35 -20.57
C GLY A 333 -5.03 18.08 -19.85
N GLN A 334 -4.48 19.08 -19.18
CA GLN A 334 -3.26 18.82 -18.43
C GLN A 334 -3.65 18.32 -17.03
N GLY A 335 -3.01 17.24 -16.60
CA GLY A 335 -3.29 16.66 -15.30
C GLY A 335 -4.57 15.85 -15.27
N GLN A 336 -5.35 15.93 -16.36
CA GLN A 336 -6.64 15.26 -16.45
C GLN A 336 -6.56 14.03 -17.34
N TRP A 337 -6.95 12.88 -16.80
CA TRP A 337 -6.98 11.66 -17.58
C TRP A 337 -8.37 11.02 -17.44
N THR A 338 -8.75 10.21 -18.43
CA THR A 338 -10.06 9.60 -18.47
C THR A 338 -9.87 8.17 -18.95
N TYR A 339 -10.71 7.25 -18.51
CA TYR A 339 -10.60 5.87 -18.96
C TYR A 339 -11.95 5.14 -19.05
N GLN A 340 -11.96 4.03 -19.77
CA GLN A 340 -13.15 3.23 -19.94
C GLN A 340 -12.71 1.79 -19.89
N ILE A 341 -13.57 0.93 -19.33
CA ILE A 341 -13.27 -0.48 -19.28
C ILE A 341 -14.43 -1.27 -19.91
N TYR A 342 -14.12 -2.14 -20.88
CA TYR A 342 -15.14 -2.90 -21.59
C TYR A 342 -14.63 -4.26 -21.96
N GLN A 343 -15.53 -5.15 -22.37
CA GLN A 343 -15.15 -6.48 -22.78
C GLN A 343 -15.50 -6.65 -24.26
N GLU A 344 -16.51 -5.92 -24.70
CA GLU A 344 -16.87 -5.81 -26.11
C GLU A 344 -16.99 -4.32 -26.46
N PRO A 345 -16.35 -3.89 -27.55
CA PRO A 345 -16.37 -2.44 -27.76
C PRO A 345 -17.71 -2.02 -28.33
N PHE A 346 -18.26 -0.90 -27.87
CA PHE A 346 -17.73 -0.16 -26.72
C PHE A 346 -18.76 -0.19 -25.60
N LYS A 347 -19.07 -1.39 -25.13
CA LYS A 347 -20.04 -1.54 -24.06
C LYS A 347 -19.35 -1.51 -22.69
N ASN A 348 -19.28 -0.33 -22.10
CA ASN A 348 -18.49 -0.16 -20.91
C ASN A 348 -19.09 -0.93 -19.74
N LEU A 349 -18.25 -1.71 -19.07
CA LEU A 349 -18.48 -2.13 -17.68
C LEU A 349 -18.45 -0.91 -16.74
N LYS A 350 -17.46 -0.05 -16.90
CA LYS A 350 -17.38 1.19 -16.10
C LYS A 350 -16.41 2.15 -16.75
N THR A 351 -16.44 3.40 -16.31
CA THR A 351 -15.51 4.41 -16.80
C THR A 351 -14.93 5.05 -15.56
N GLY A 352 -14.08 6.04 -15.76
CA GLY A 352 -13.42 6.71 -14.65
C GLY A 352 -12.58 7.87 -15.13
N LYS A 353 -12.07 8.63 -14.16
CA LYS A 353 -11.14 9.70 -14.44
C LYS A 353 -10.05 9.70 -13.38
N TYR A 354 -8.85 10.14 -13.77
CA TYR A 354 -7.69 10.22 -12.89
C TYR A 354 -7.13 11.61 -13.08
N ALA A 355 -6.95 12.35 -11.98
CA ALA A 355 -6.46 13.72 -12.08
C ALA A 355 -5.62 14.10 -10.88
N ARG A 356 -4.57 13.34 -10.60
CA ARG A 356 -3.76 13.60 -9.41
C ARG A 356 -2.31 13.92 -9.75
N MET A 357 -1.78 14.98 -9.15
CA MET A 357 -0.36 15.26 -9.27
C MET A 357 0.40 14.62 -8.11
N ARG A 358 1.20 13.61 -8.44
CA ARG A 358 2.11 13.03 -7.46
C ARG A 358 3.38 13.87 -7.38
N GLY A 359 3.37 14.89 -6.54
CA GLY A 359 4.49 15.82 -6.44
C GLY A 359 4.17 17.11 -7.15
N ALA A 360 5.14 18.04 -7.14
CA ALA A 360 4.94 19.34 -7.78
C ALA A 360 5.36 19.28 -9.25
N HIS A 361 6.15 18.28 -9.59
CA HIS A 361 6.72 18.19 -10.93
C HIS A 361 6.60 16.79 -11.49
N THR A 362 5.97 16.68 -12.66
CA THR A 362 5.88 15.42 -13.39
C THR A 362 5.88 15.66 -14.86
N ASN A 363 5.94 14.57 -15.60
CA ASN A 363 5.66 14.63 -17.03
C ASN A 363 4.51 13.67 -17.40
N ASP A 364 4.06 13.73 -18.65
CA ASP A 364 2.94 12.91 -19.10
C ASP A 364 3.26 11.42 -19.05
N VAL A 365 4.51 11.04 -19.25
CA VAL A 365 4.81 9.62 -19.25
C VAL A 365 4.63 9.08 -17.83
N LYS A 366 5.05 9.85 -16.83
CA LYS A 366 4.89 9.47 -15.42
C LYS A 366 3.42 9.43 -15.02
N GLN A 367 2.65 10.44 -15.44
CA GLN A 367 1.22 10.47 -15.15
C GLN A 367 0.47 9.31 -15.78
N LEU A 368 0.69 9.08 -17.07
CA LEU A 368 0.03 7.96 -17.71
C LEU A 368 0.34 6.67 -16.95
N THR A 369 1.59 6.51 -16.51
CA THR A 369 1.97 5.29 -15.80
C THR A 369 1.23 5.17 -14.45
N GLU A 370 1.02 6.32 -13.80
CA GLU A 370 0.30 6.37 -12.54
C GLU A 370 -1.18 6.00 -12.73
N ALA A 371 -1.74 6.42 -13.85
CA ALA A 371 -3.13 6.13 -14.18
C ALA A 371 -3.28 4.64 -14.43
N VAL A 372 -2.34 4.08 -15.19
CA VAL A 372 -2.31 2.63 -15.40
C VAL A 372 -2.27 1.86 -14.08
N GLN A 373 -1.41 2.30 -13.14
CA GLN A 373 -1.33 1.65 -11.85
C GLN A 373 -2.66 1.73 -11.10
N LYS A 374 -3.26 2.91 -11.08
CA LYS A 374 -4.53 3.08 -10.38
C LYS A 374 -5.62 2.13 -10.93
N ILE A 375 -5.66 2.00 -12.24
CA ILE A 375 -6.68 1.21 -12.91
C ILE A 375 -6.40 -0.26 -12.65
N THR A 376 -5.13 -0.59 -12.60
CA THR A 376 -4.70 -1.95 -12.33
C THR A 376 -5.14 -2.41 -10.92
N THR A 377 -4.94 -1.56 -9.90
CA THR A 377 -5.34 -1.90 -8.55
C THR A 377 -6.86 -2.09 -8.50
N GLU A 378 -7.57 -1.11 -9.03
CA GLU A 378 -9.04 -1.17 -9.14
C GLU A 378 -9.53 -2.44 -9.82
N SER A 379 -8.87 -2.85 -10.89
CA SER A 379 -9.29 -4.05 -11.61
C SER A 379 -9.13 -5.31 -10.78
N ILE A 380 -8.06 -5.39 -10.01
CA ILE A 380 -7.87 -6.54 -9.14
C ILE A 380 -9.02 -6.62 -8.14
N VAL A 381 -9.30 -5.50 -7.48
CA VAL A 381 -10.41 -5.44 -6.54
C VAL A 381 -11.72 -5.90 -7.17
N ILE A 382 -12.05 -5.35 -8.34
CA ILE A 382 -13.38 -5.55 -8.90
C ILE A 382 -13.55 -6.90 -9.62
N TRP A 383 -12.54 -7.34 -10.37
CA TRP A 383 -12.68 -8.55 -11.18
C TRP A 383 -11.66 -9.62 -10.82
N GLY A 384 -10.75 -9.30 -9.90
CA GLY A 384 -9.71 -10.24 -9.49
C GLY A 384 -8.67 -10.53 -10.56
N LYS A 385 -8.61 -9.68 -11.59
CA LYS A 385 -7.62 -9.86 -12.64
C LYS A 385 -7.29 -8.54 -13.30
N THR A 386 -6.20 -8.53 -14.06
CA THR A 386 -5.67 -7.35 -14.73
C THR A 386 -6.25 -7.17 -16.13
N PRO A 387 -6.54 -5.92 -16.52
CA PRO A 387 -7.03 -5.72 -17.88
C PRO A 387 -5.89 -5.62 -18.87
N LYS A 388 -6.20 -5.66 -20.16
CA LYS A 388 -5.24 -5.35 -21.21
C LYS A 388 -5.45 -3.90 -21.60
N PHE A 389 -4.36 -3.13 -21.63
CA PHE A 389 -4.48 -1.67 -21.82
C PHE A 389 -4.29 -1.23 -23.28
N LYS A 390 -4.97 -0.16 -23.65
CA LYS A 390 -4.75 0.56 -24.91
C LYS A 390 -4.39 1.96 -24.50
N LEU A 391 -3.14 2.34 -24.77
CA LEU A 391 -2.60 3.60 -24.28
C LEU A 391 -2.19 4.52 -25.45
N PRO A 392 -2.37 5.84 -25.28
CA PRO A 392 -2.00 6.76 -26.35
C PRO A 392 -0.52 7.12 -26.20
N ILE A 393 0.34 6.10 -26.27
CA ILE A 393 1.79 6.29 -26.21
C ILE A 393 2.46 5.21 -27.05
N GLN A 394 3.53 5.59 -27.76
CA GLN A 394 4.30 4.65 -28.56
C GLN A 394 5.19 3.79 -27.68
N LYS A 395 5.36 2.51 -28.05
CA LYS A 395 6.24 1.63 -27.31
C LYS A 395 7.59 2.28 -27.06
N GLU A 396 8.15 2.87 -28.10
CA GLU A 396 9.50 3.43 -27.99
C GLU A 396 9.56 4.61 -27.02
N THR A 397 8.54 5.47 -27.06
CA THR A 397 8.49 6.60 -26.16
C THR A 397 8.52 6.13 -24.72
N TRP A 398 7.65 5.17 -24.42
CA TRP A 398 7.50 4.68 -23.05
C TRP A 398 8.79 4.00 -22.62
N GLU A 399 9.33 3.16 -23.49
CA GLU A 399 10.51 2.36 -23.17
C GLU A 399 11.80 3.20 -23.02
N THR A 400 11.98 4.16 -23.92
CA THR A 400 13.09 5.10 -23.76
C THR A 400 13.02 5.72 -22.38
N TRP A 401 11.85 6.21 -22.01
CA TRP A 401 11.71 6.88 -20.72
C TRP A 401 12.01 5.98 -19.52
N TRP A 402 11.34 4.84 -19.42
CA TRP A 402 11.45 4.07 -18.18
C TRP A 402 12.79 3.34 -18.00
N THR A 403 13.35 2.82 -19.08
CA THR A 403 14.69 2.24 -18.97
C THR A 403 15.74 3.30 -18.63
N GLU A 404 15.45 4.58 -18.87
CA GLU A 404 16.41 5.64 -18.55
C GLU A 404 16.23 6.22 -17.15
N TYR A 405 14.98 6.26 -16.68
CA TYR A 405 14.62 6.86 -15.41
C TYR A 405 15.11 5.99 -14.23
N TRP A 406 15.39 6.61 -13.09
CA TRP A 406 15.99 5.88 -11.97
C TRP A 406 15.01 5.13 -11.06
N GLN A 407 13.72 5.30 -11.28
CA GLN A 407 12.68 4.57 -10.54
C GLN A 407 12.24 3.34 -11.32
N ALA A 408 11.87 2.28 -10.61
CA ALA A 408 11.43 1.03 -11.24
C ALA A 408 9.96 1.08 -11.57
N THR A 409 9.56 0.35 -12.61
CA THR A 409 8.15 0.17 -12.90
C THR A 409 7.88 -1.06 -13.73
N TRP A 410 6.62 -1.45 -13.73
CA TRP A 410 6.14 -2.49 -14.61
C TRP A 410 4.65 -2.26 -14.79
N ILE A 411 4.18 -2.37 -16.03
CA ILE A 411 2.74 -2.33 -16.27
C ILE A 411 2.24 -3.56 -17.02
N PRO A 412 0.98 -3.94 -16.77
CA PRO A 412 0.39 -5.08 -17.48
C PRO A 412 0.47 -4.89 -19.01
N GLU A 413 0.27 -5.98 -19.74
CA GLU A 413 0.23 -5.99 -21.19
C GLU A 413 -0.51 -4.79 -21.76
N TRP A 414 0.06 -4.16 -22.78
CA TRP A 414 -0.58 -3.01 -23.37
C TRP A 414 -0.19 -2.83 -24.83
N GLU A 415 -0.89 -1.95 -25.50
CA GLU A 415 -0.56 -1.63 -26.86
C GLU A 415 -0.96 -0.21 -27.19
N PHE A 416 -0.32 0.33 -28.22
CA PHE A 416 -0.52 1.69 -28.63
C PHE A 416 -1.86 1.87 -29.33
N VAL A 417 -2.58 2.92 -28.97
CA VAL A 417 -3.77 3.30 -29.72
C VAL A 417 -3.69 4.77 -30.09
N ASN A 418 -4.00 5.08 -31.34
CA ASN A 418 -3.82 6.44 -31.85
C ASN A 418 -4.97 7.37 -31.49
N THR A 419 -5.06 7.74 -30.22
CA THR A 419 -6.10 8.63 -29.72
C THR A 419 -5.50 9.94 -29.25
N PRO A 420 -5.32 10.90 -30.16
CA PRO A 420 -4.69 12.15 -29.76
C PRO A 420 -5.47 12.82 -28.62
N PRO A 421 -4.78 13.62 -27.79
CA PRO A 421 -3.34 13.87 -27.91
C PRO A 421 -2.49 12.69 -27.44
N LEU A 422 -1.39 12.45 -28.14
CA LEU A 422 -0.47 11.39 -27.75
C LEU A 422 0.52 11.91 -26.72
N VAL A 423 0.95 11.04 -25.81
CA VAL A 423 1.96 11.44 -24.86
C VAL A 423 3.33 11.28 -25.49
N LYS A 424 4.12 12.36 -25.44
CA LYS A 424 5.48 12.31 -25.94
C LYS A 424 6.42 13.03 -24.98
N LEU A 425 7.72 12.85 -25.21
CA LEU A 425 8.75 13.54 -24.45
C LEU A 425 9.03 14.87 -25.12
N TRP A 426 8.91 15.95 -24.37
CA TRP A 426 8.98 17.28 -24.97
C TRP A 426 10.40 17.78 -25.16
N TYR A 427 11.35 17.11 -24.53
CA TYR A 427 12.76 17.41 -24.68
C TYR A 427 13.55 16.31 -24.03
N GLN A 428 14.83 16.22 -24.34
CA GLN A 428 15.72 15.24 -23.74
C GLN A 428 17.06 15.90 -23.45
N LEU A 429 17.50 15.85 -22.20
CA LEU A 429 18.81 16.37 -21.85
C LEU A 429 19.88 15.46 -22.44
N GLU A 430 21.00 16.05 -22.88
CA GLU A 430 22.12 15.26 -23.43
C GLU A 430 22.69 14.32 -22.38
N LYS A 431 23.33 13.23 -22.81
CA LYS A 431 24.03 12.34 -21.90
C LYS A 431 25.48 12.76 -21.71
N GLU A 432 26.02 13.48 -22.69
CA GLU A 432 27.41 13.95 -22.68
C GLU A 432 27.50 15.46 -22.84
N PRO A 433 28.55 16.07 -22.27
CA PRO A 433 28.74 17.51 -22.46
C PRO A 433 28.93 17.86 -23.94
N ILE A 434 28.56 19.07 -24.32
CA ILE A 434 28.48 19.46 -25.72
C ILE A 434 29.70 20.28 -26.18
N VAL A 435 30.35 19.83 -27.25
CA VAL A 435 31.48 20.59 -27.81
C VAL A 435 30.99 21.84 -28.52
N GLY A 436 31.68 22.95 -28.31
CA GLY A 436 31.34 24.18 -28.98
C GLY A 436 30.05 24.78 -28.48
N ALA A 437 29.57 24.28 -27.33
CA ALA A 437 28.48 24.92 -26.62
C ALA A 437 29.03 25.63 -25.39
N GLU A 438 28.65 26.88 -25.21
CA GLU A 438 29.11 27.70 -24.09
C GLU A 438 28.78 27.02 -22.75
N THR A 439 29.76 27.01 -21.84
CA THR A 439 29.57 26.46 -20.51
C THR A 439 29.21 27.56 -19.51
N PHE A 440 28.02 27.43 -18.92
CA PHE A 440 27.52 28.39 -17.92
C PHE A 440 27.60 27.80 -16.53
N TYR A 441 28.33 28.48 -15.65
CA TYR A 441 28.34 28.14 -14.23
C TYR A 441 27.32 29.03 -13.54
N VAL A 442 26.40 28.43 -12.79
CA VAL A 442 25.27 29.18 -12.26
C VAL A 442 25.26 29.08 -10.74
N ASP A 443 24.58 30.02 -10.10
CA ASP A 443 24.38 29.95 -8.66
C ASP A 443 23.38 30.97 -8.14
N GLY A 444 23.07 30.89 -6.85
CA GLY A 444 22.06 31.74 -6.28
C GLY A 444 22.20 31.89 -4.78
N ALA A 445 21.73 33.01 -4.26
CA ALA A 445 21.78 33.24 -2.83
C ALA A 445 20.54 33.97 -2.38
N ALA A 446 20.23 33.87 -1.10
CA ALA A 446 19.13 34.61 -0.50
C ALA A 446 19.35 34.69 1.00
N ASN A 447 18.76 35.69 1.65
CA ASN A 447 18.87 35.80 3.11
C ASN A 447 17.61 35.36 3.83
N ARG A 448 17.80 34.64 4.93
CA ARG A 448 16.71 33.98 5.65
C ARG A 448 15.71 34.94 6.31
N GLU A 449 16.19 36.11 6.71
CA GLU A 449 15.30 37.12 7.30
C GLU A 449 15.12 38.34 6.38
N THR A 450 15.71 38.27 5.19
CA THR A 450 15.57 39.34 4.21
C THR A 450 14.48 38.99 3.21
N LYS A 451 14.43 37.71 2.84
CA LYS A 451 13.55 37.24 1.77
C LYS A 451 14.02 37.83 0.42
N LEU A 452 15.24 38.35 0.45
CA LEU A 452 15.88 38.90 -0.74
C LEU A 452 17.03 37.99 -1.13
N GLY A 453 17.46 38.08 -2.39
CA GLY A 453 18.59 37.31 -2.86
C GLY A 453 18.98 37.60 -4.29
N LYS A 454 19.96 36.87 -4.79
CA LYS A 454 20.48 37.08 -6.13
C LYS A 454 20.66 35.80 -6.92
N ALA A 455 20.57 35.90 -8.24
CA ALA A 455 20.87 34.78 -9.12
C ALA A 455 21.75 35.25 -10.27
N GLY A 456 22.66 34.39 -10.73
CA GLY A 456 23.54 34.78 -11.81
C GLY A 456 24.37 33.66 -12.43
N TYR A 457 25.21 34.03 -13.39
CA TYR A 457 26.08 33.07 -14.06
C TYR A 457 27.40 33.70 -14.46
N VAL A 458 28.41 32.83 -14.59
CA VAL A 458 29.67 33.17 -15.21
C VAL A 458 29.88 32.15 -16.30
N THR A 459 30.61 32.51 -17.34
CA THR A 459 30.74 31.65 -18.53
C THR A 459 32.20 31.46 -18.96
N ASN A 460 32.49 30.39 -19.70
CA ASN A 460 33.88 30.16 -20.12
C ASN A 460 34.30 31.10 -21.24
N ARG A 461 33.33 31.76 -21.87
CA ARG A 461 33.59 32.68 -22.98
C ARG A 461 33.66 34.12 -22.46
N GLY A 462 33.79 34.25 -21.14
CA GLY A 462 33.96 35.53 -20.48
C GLY A 462 32.74 36.31 -20.04
N ARG A 463 31.55 35.86 -20.40
CA ARG A 463 30.34 36.59 -20.05
C ARG A 463 29.93 36.44 -18.57
N GLN A 464 29.11 37.37 -18.08
CA GLN A 464 28.51 37.21 -16.75
C GLN A 464 27.25 38.07 -16.54
N LYS A 465 26.58 37.84 -15.42
CA LYS A 465 25.33 38.54 -15.11
C LYS A 465 24.87 38.19 -13.70
N VAL A 466 24.24 39.15 -13.02
CA VAL A 466 23.62 38.91 -11.73
C VAL A 466 22.34 39.71 -11.65
N VAL A 467 21.28 39.08 -11.16
CA VAL A 467 20.01 39.76 -10.96
C VAL A 467 19.67 39.82 -9.47
N THR A 468 18.66 40.59 -9.15
CA THR A 468 18.22 40.69 -7.76
C THR A 468 16.79 40.17 -7.63
N LEU A 469 16.57 39.23 -6.73
CA LEU A 469 15.25 38.65 -6.53
C LEU A 469 14.63 39.06 -5.20
N THR A 470 13.38 39.48 -5.27
CA THR A 470 12.61 39.85 -4.09
C THR A 470 11.50 38.83 -3.84
N ASP A 471 11.36 38.39 -2.58
CA ASP A 471 10.42 37.35 -2.24
C ASP A 471 10.89 36.04 -2.86
N THR A 472 12.03 35.55 -2.40
CA THR A 472 12.66 34.37 -2.98
C THR A 472 13.41 33.56 -1.93
N THR A 473 13.59 32.26 -2.20
CA THR A 473 14.32 31.37 -1.30
C THR A 473 15.67 31.00 -1.88
N ASN A 474 16.49 30.33 -1.08
CA ASN A 474 17.79 29.86 -1.57
C ASN A 474 17.60 28.85 -2.69
N GLN A 475 16.45 28.19 -2.68
CA GLN A 475 16.15 27.19 -3.69
C GLN A 475 15.61 27.84 -4.96
N LYS A 476 14.69 28.78 -4.79
CA LYS A 476 14.15 29.52 -5.93
C LYS A 476 15.23 30.26 -6.71
N THR A 477 16.24 30.78 -6.02
CA THR A 477 17.33 31.46 -6.72
C THR A 477 18.09 30.47 -7.60
N GLU A 478 18.36 29.28 -7.07
CA GLU A 478 19.01 28.22 -7.83
C GLU A 478 18.31 27.98 -9.17
N LEU A 479 16.98 27.92 -9.15
CA LEU A 479 16.21 27.75 -10.39
C LEU A 479 16.23 29.00 -11.27
N GLN A 480 16.31 30.17 -10.64
CA GLN A 480 16.40 31.43 -11.38
C GLN A 480 17.70 31.51 -12.17
N ALA A 481 18.80 31.17 -11.51
CA ALA A 481 20.11 31.13 -12.18
C ALA A 481 20.09 30.27 -13.44
N ILE A 482 19.56 29.06 -13.33
CA ILE A 482 19.50 28.16 -14.47
C ILE A 482 18.58 28.76 -15.53
N TYR A 483 17.52 29.41 -15.06
CA TYR A 483 16.63 30.10 -15.97
C TYR A 483 17.38 31.23 -16.68
N LEU A 484 18.24 31.93 -15.96
CA LEU A 484 19.07 32.98 -16.56
C LEU A 484 19.96 32.40 -17.65
N ALA A 485 20.70 31.34 -17.31
CA ALA A 485 21.63 30.71 -18.23
C ALA A 485 20.93 30.30 -19.51
N LEU A 486 19.69 29.84 -19.39
CA LEU A 486 18.96 29.36 -20.55
C LEU A 486 18.54 30.51 -21.47
N GLN A 487 18.03 31.59 -20.91
CA GLN A 487 17.59 32.74 -21.69
C GLN A 487 18.74 33.36 -22.50
N ASP A 488 19.92 33.42 -21.92
CA ASP A 488 21.03 34.17 -22.51
C ASP A 488 21.99 33.32 -23.35
N SER A 489 21.68 32.04 -23.48
CA SER A 489 22.58 31.12 -24.17
C SER A 489 22.07 30.83 -25.56
N GLY A 490 22.95 30.25 -26.40
CA GLY A 490 22.54 29.82 -27.73
C GLY A 490 21.67 28.56 -27.69
N LEU A 491 21.49 27.93 -28.86
CA LEU A 491 20.62 26.78 -28.99
C LEU A 491 21.22 25.53 -28.35
N GLU A 492 22.51 25.59 -28.04
CA GLU A 492 23.17 24.53 -27.32
C GLU A 492 23.93 25.14 -26.14
N VAL A 493 23.77 24.53 -24.96
CA VAL A 493 24.39 25.03 -23.73
C VAL A 493 24.78 23.92 -22.78
N ASN A 494 25.89 24.12 -22.07
CA ASN A 494 26.25 23.30 -20.94
C ASN A 494 26.04 24.13 -19.67
N ILE A 495 25.41 23.53 -18.66
CA ILE A 495 25.12 24.26 -17.41
C ILE A 495 25.62 23.46 -16.20
N VAL A 496 26.34 24.15 -15.33
CA VAL A 496 26.95 23.55 -14.15
C VAL A 496 26.30 24.21 -12.93
N THR A 497 25.56 23.41 -12.16
CA THR A 497 24.93 23.88 -10.93
C THR A 497 25.61 23.22 -9.74
N ASP A 498 25.44 23.76 -8.54
CA ASP A 498 25.88 23.05 -7.34
C ASP A 498 24.68 22.72 -6.46
N SER A 499 23.49 22.83 -7.04
CA SER A 499 22.24 22.53 -6.33
C SER A 499 21.65 21.18 -6.72
N GLN A 500 21.85 20.15 -5.88
CA GLN A 500 21.16 18.87 -6.11
C GLN A 500 19.68 19.09 -6.27
N TYR A 501 19.12 20.02 -5.50
CA TYR A 501 17.71 20.35 -5.62
C TYR A 501 17.33 20.68 -7.06
N ALA A 502 17.98 21.68 -7.65
CA ALA A 502 17.68 22.04 -9.03
C ALA A 502 17.99 20.88 -9.98
N LEU A 503 19.08 20.17 -9.74
CA LEU A 503 19.45 19.05 -10.60
C LEU A 503 18.32 18.01 -10.60
N GLY A 504 17.91 17.61 -9.41
CA GLY A 504 16.83 16.65 -9.25
C GLY A 504 15.65 17.01 -10.13
N ILE A 505 15.15 18.23 -9.98
CA ILE A 505 14.00 18.67 -10.75
C ILE A 505 14.15 18.52 -12.26
N ILE A 506 15.21 19.14 -12.80
CA ILE A 506 15.37 19.21 -14.25
C ILE A 506 15.62 17.83 -14.82
N GLN A 507 16.45 17.08 -14.11
CA GLN A 507 16.83 15.73 -14.50
C GLN A 507 15.63 14.78 -14.72
N ALA A 508 14.55 15.00 -13.99
CA ALA A 508 13.38 14.14 -14.11
C ALA A 508 12.61 14.46 -15.38
N GLN A 509 13.08 15.46 -16.12
CA GLN A 509 12.49 15.81 -17.41
C GLN A 509 11.01 16.15 -17.33
N PRO A 510 10.63 17.02 -16.39
CA PRO A 510 9.25 17.46 -16.24
C PRO A 510 8.69 18.19 -17.45
N ASP A 511 7.37 18.11 -17.64
CA ASP A 511 6.72 18.83 -18.70
C ASP A 511 5.56 19.68 -18.17
N GLN A 512 5.41 19.70 -16.85
CA GLN A 512 4.43 20.54 -16.20
C GLN A 512 4.79 20.69 -14.73
N SER A 513 4.31 21.75 -14.10
CA SER A 513 4.70 22.03 -12.74
C SER A 513 3.78 23.01 -12.05
N GLU A 514 3.82 23.00 -10.73
CA GLU A 514 3.01 23.91 -9.94
C GLU A 514 3.66 25.28 -9.93
N SER A 515 4.99 25.31 -9.92
CA SER A 515 5.75 26.57 -9.96
C SER A 515 5.83 27.14 -11.37
N GLU A 516 5.50 28.42 -11.51
CA GLU A 516 5.60 29.07 -12.82
C GLU A 516 7.05 29.21 -13.26
N LEU A 517 7.94 29.36 -12.28
CA LEU A 517 9.37 29.37 -12.59
C LEU A 517 9.68 28.14 -13.42
N VAL A 518 9.40 26.96 -12.87
CA VAL A 518 9.71 25.71 -13.53
C VAL A 518 9.06 25.62 -14.90
N ASN A 519 7.81 26.04 -15.00
CA ASN A 519 7.15 26.03 -16.30
C ASN A 519 7.91 26.86 -17.34
N GLN A 520 8.34 28.06 -16.95
CA GLN A 520 9.17 28.92 -17.81
C GLN A 520 10.45 28.21 -18.28
N ILE A 521 11.15 27.57 -17.34
CA ILE A 521 12.32 26.77 -17.65
C ILE A 521 11.99 25.68 -18.64
N ILE A 522 10.85 25.02 -18.43
CA ILE A 522 10.41 23.99 -19.35
C ILE A 522 10.25 24.53 -20.78
N GLU A 523 9.70 25.74 -20.93
CA GLU A 523 9.59 26.38 -22.26
C GLU A 523 10.96 26.51 -22.89
N GLN A 524 11.92 26.99 -22.11
CA GLN A 524 13.28 27.19 -22.60
C GLN A 524 13.86 25.88 -23.08
N LEU A 525 13.70 24.82 -22.28
CA LEU A 525 14.30 23.54 -22.59
C LEU A 525 13.76 22.99 -23.89
N ILE A 526 12.48 23.19 -24.11
CA ILE A 526 11.83 22.74 -25.32
C ILE A 526 12.36 23.55 -26.51
N LYS A 527 12.73 24.80 -26.26
CA LYS A 527 13.29 25.65 -27.32
C LYS A 527 14.69 25.24 -27.76
N LYS A 528 15.51 24.78 -26.80
CA LYS A 528 16.91 24.48 -27.09
C LYS A 528 17.05 23.31 -28.06
N GLU A 529 18.24 23.16 -28.65
CA GLU A 529 18.54 22.01 -29.49
C GLU A 529 19.28 20.96 -28.67
N LYS A 530 20.07 21.43 -27.71
CA LYS A 530 20.85 20.55 -26.85
C LYS A 530 21.13 21.22 -25.52
N VAL A 531 20.89 20.49 -24.43
CA VAL A 531 21.24 20.98 -23.11
C VAL A 531 21.91 19.89 -22.31
N TYR A 532 23.12 20.17 -21.83
CA TYR A 532 23.75 19.27 -20.88
C TYR A 532 23.77 19.94 -19.51
N LEU A 533 23.35 19.21 -18.49
CA LEU A 533 23.26 19.73 -17.13
C LEU A 533 24.15 18.90 -16.22
N ALA A 534 25.04 19.54 -15.48
CA ALA A 534 25.97 18.83 -14.60
C ALA A 534 26.02 19.49 -13.24
N TRP A 535 26.61 18.78 -12.28
CA TRP A 535 26.64 19.23 -10.90
C TRP A 535 28.03 19.13 -10.29
N VAL A 536 28.33 20.09 -9.41
CA VAL A 536 29.57 20.07 -8.67
C VAL A 536 29.27 20.49 -7.25
N PRO A 537 30.10 20.03 -6.31
CA PRO A 537 29.95 20.38 -4.89
C PRO A 537 30.31 21.84 -4.64
N ALA A 538 29.44 22.56 -3.95
CA ALA A 538 29.68 23.94 -3.56
C ALA A 538 30.95 24.08 -2.69
N HIS A 539 31.63 25.22 -2.82
CA HIS A 539 32.79 25.53 -2.00
C HIS A 539 33.86 24.43 -1.93
N LYS A 540 34.11 23.78 -3.06
CA LYS A 540 35.25 22.89 -3.20
C LYS A 540 36.34 23.60 -3.98
N GLY A 541 36.13 24.90 -4.21
CA GLY A 541 37.07 25.71 -4.95
C GLY A 541 37.13 25.27 -6.40
N ILE A 542 35.98 24.91 -6.94
CA ILE A 542 35.88 24.49 -8.32
C ILE A 542 35.84 25.69 -9.26
N GLY A 543 36.64 25.59 -10.31
CA GLY A 543 36.70 26.56 -11.39
C GLY A 543 35.71 27.70 -11.43
N GLY A 544 34.68 27.59 -12.24
CA GLY A 544 33.75 28.68 -12.45
C GLY A 544 32.68 28.77 -11.38
N ASN A 545 32.46 27.67 -10.66
CA ASN A 545 31.52 27.67 -9.55
C ASN A 545 31.90 28.68 -8.47
N GLU A 546 33.16 28.66 -8.05
CA GLU A 546 33.65 29.63 -7.07
C GLU A 546 33.36 31.07 -7.50
N GLN A 547 33.60 31.37 -8.77
CA GLN A 547 33.39 32.74 -9.28
C GLN A 547 31.95 33.19 -9.11
N VAL A 548 31.00 32.40 -9.61
CA VAL A 548 29.61 32.79 -9.54
C VAL A 548 29.10 32.80 -8.10
N ASP A 549 29.56 31.87 -7.27
CA ASP A 549 29.23 31.90 -5.84
C ASP A 549 29.60 33.28 -5.31
N LYS A 550 30.85 33.67 -5.53
CA LYS A 550 31.33 35.00 -5.19
C LYS A 550 30.37 36.12 -5.62
N LEU A 551 30.11 36.20 -6.93
CA LEU A 551 29.17 37.17 -7.47
C LEU A 551 27.86 37.29 -6.69
N VAL A 552 27.03 36.25 -6.75
CA VAL A 552 25.68 36.32 -6.20
C VAL A 552 25.64 36.47 -4.67
N SER A 553 26.72 36.10 -4.01
CA SER A 553 26.77 36.19 -2.54
C SER A 553 27.10 37.57 -2.00
N ALA A 554 27.35 38.52 -2.90
CA ALA A 554 27.67 39.90 -2.51
C ALA A 554 26.45 40.64 -1.96
N GLY A 555 26.56 41.13 -0.73
CA GLY A 555 25.48 41.85 -0.09
C GLY A 555 24.44 40.92 0.53
N ILE A 556 24.72 39.62 0.45
CA ILE A 556 23.80 38.61 0.95
C ILE A 556 24.47 37.77 2.04
N GLU B 6 1.75 -30.44 25.19
CA GLU B 6 1.64 -29.28 26.06
C GLU B 6 2.12 -28.02 25.34
N THR B 7 1.60 -26.87 25.76
CA THR B 7 1.89 -25.61 25.09
C THR B 7 2.74 -24.65 25.94
N VAL B 8 3.52 -23.81 25.27
CA VAL B 8 4.26 -22.75 25.94
C VAL B 8 3.43 -21.47 25.97
N PRO B 9 3.29 -20.86 27.16
CA PRO B 9 2.60 -19.56 27.26
C PRO B 9 3.34 -18.42 26.55
N VAL B 10 2.61 -17.66 25.73
CA VAL B 10 3.20 -16.51 25.05
C VAL B 10 2.48 -15.25 25.45
N LYS B 11 3.22 -14.15 25.52
CA LYS B 11 2.66 -12.85 25.86
C LYS B 11 3.02 -11.82 24.78
N LEU B 12 2.13 -10.86 24.55
CA LEU B 12 2.50 -9.70 23.74
C LEU B 12 3.39 -8.78 24.55
N LYS B 13 4.08 -7.86 23.88
CA LYS B 13 4.90 -6.86 24.57
C LYS B 13 4.01 -5.99 25.47
N PRO B 14 4.61 -5.26 26.43
CA PRO B 14 3.84 -4.50 27.42
C PRO B 14 2.79 -3.54 26.83
N GLY B 15 1.53 -3.76 27.19
CA GLY B 15 0.45 -2.90 26.75
C GLY B 15 0.23 -2.81 25.25
N MET B 16 0.74 -3.78 24.50
CA MET B 16 0.50 -3.83 23.06
C MET B 16 -0.67 -4.75 22.79
N ASP B 17 -1.48 -4.40 21.79
CA ASP B 17 -2.62 -5.21 21.41
C ASP B 17 -2.26 -5.96 20.13
N GLY B 18 -3.12 -6.88 19.72
CA GLY B 18 -2.85 -7.70 18.56
C GLY B 18 -2.71 -6.86 17.31
N PRO B 19 -2.34 -7.50 16.19
CA PRO B 19 -2.30 -6.76 14.92
C PRO B 19 -3.71 -6.61 14.40
N LYS B 20 -3.98 -5.52 13.70
CA LYS B 20 -5.26 -5.35 13.04
C LYS B 20 -5.00 -4.81 11.66
N VAL B 21 -4.47 -5.68 10.81
CA VAL B 21 -3.97 -5.29 9.52
C VAL B 21 -4.95 -5.79 8.47
N LYS B 22 -5.30 -4.94 7.53
CA LYS B 22 -6.30 -5.31 6.54
C LYS B 22 -5.72 -6.24 5.48
N GLN B 23 -6.52 -7.22 5.06
CA GLN B 23 -6.16 -8.13 3.98
C GLN B 23 -6.09 -7.37 2.66
N TRP B 24 -5.08 -7.68 1.83
CA TRP B 24 -4.94 -7.06 0.51
C TRP B 24 -5.86 -7.76 -0.46
N PRO B 25 -6.28 -7.07 -1.52
CA PRO B 25 -7.09 -7.75 -2.54
C PRO B 25 -6.20 -8.76 -3.27
N LEU B 26 -6.75 -9.90 -3.65
CA LEU B 26 -5.94 -10.92 -4.31
C LEU B 26 -6.59 -11.29 -5.62
N THR B 27 -5.82 -11.79 -6.57
CA THR B 27 -6.41 -12.28 -7.81
C THR B 27 -7.25 -13.51 -7.54
N GLU B 28 -8.06 -13.89 -8.52
CA GLU B 28 -8.93 -15.04 -8.44
C GLU B 28 -8.17 -16.33 -8.18
N GLU B 29 -7.09 -16.56 -8.94
CA GLU B 29 -6.43 -17.86 -8.84
C GLU B 29 -5.78 -18.07 -7.47
N LYS B 30 -5.28 -17.00 -6.87
CA LYS B 30 -4.66 -17.09 -5.53
C LYS B 30 -5.70 -17.33 -4.44
N ILE B 31 -6.89 -16.76 -4.62
CA ILE B 31 -7.99 -17.00 -3.68
C ILE B 31 -8.39 -18.46 -3.71
N LYS B 32 -8.64 -18.98 -4.91
CA LYS B 32 -8.91 -20.41 -5.08
C LYS B 32 -7.85 -21.27 -4.38
N ALA B 33 -6.59 -20.89 -4.54
CA ALA B 33 -5.51 -21.69 -3.97
C ALA B 33 -5.59 -21.70 -2.47
N LEU B 34 -5.81 -20.52 -1.88
CA LEU B 34 -5.87 -20.40 -0.43
C LEU B 34 -7.05 -21.17 0.12
N VAL B 35 -8.19 -21.06 -0.55
CA VAL B 35 -9.38 -21.77 -0.14
C VAL B 35 -9.09 -23.26 0.02
N GLU B 36 -8.48 -23.86 -1.00
CA GLU B 36 -8.18 -25.29 -0.96
C GLU B 36 -7.13 -25.63 0.07
N ILE B 37 -6.10 -24.80 0.17
CA ILE B 37 -5.08 -25.01 1.16
C ILE B 37 -5.68 -24.95 2.57
N CYS B 38 -6.53 -23.98 2.82
CA CYS B 38 -7.08 -23.77 4.17
C CYS B 38 -8.17 -24.78 4.54
N THR B 39 -8.89 -25.28 3.55
CA THR B 39 -9.86 -26.34 3.77
C THR B 39 -9.12 -27.58 4.30
N GLU B 40 -8.09 -28.00 3.56
CA GLU B 40 -7.23 -29.11 3.97
C GLU B 40 -6.57 -28.89 5.33
N MET B 41 -6.06 -27.68 5.58
CA MET B 41 -5.47 -27.37 6.90
C MET B 41 -6.49 -27.46 8.03
N GLU B 42 -7.72 -27.05 7.73
CA GLU B 42 -8.76 -27.08 8.75
C GLU B 42 -9.17 -28.53 9.04
N LYS B 43 -9.37 -29.32 7.99
CA LYS B 43 -9.66 -30.74 8.15
C LYS B 43 -8.60 -31.38 9.03
N GLU B 44 -7.35 -30.94 8.87
CA GLU B 44 -6.24 -31.50 9.63
C GLU B 44 -6.02 -30.84 10.98
N GLY B 45 -6.97 -30.03 11.43
CA GLY B 45 -6.86 -29.37 12.74
C GLY B 45 -5.85 -28.24 12.89
N LYS B 46 -5.13 -27.91 11.82
CA LYS B 46 -4.07 -26.89 11.94
C LYS B 46 -4.67 -25.52 12.25
N ILE B 47 -5.78 -25.20 11.60
CA ILE B 47 -6.52 -23.96 11.86
C ILE B 47 -8.01 -24.23 12.09
N SER B 48 -8.68 -23.30 12.77
CA SER B 48 -10.13 -23.35 12.94
C SER B 48 -10.81 -22.05 12.49
N LYS B 49 -12.04 -22.15 12.03
CA LYS B 49 -12.84 -20.98 11.66
C LYS B 49 -13.09 -20.14 12.90
N ILE B 50 -13.27 -18.84 12.72
CA ILE B 50 -13.44 -17.97 13.89
C ILE B 50 -14.58 -17.02 13.67
N GLY B 51 -15.04 -16.42 14.76
CA GLY B 51 -16.17 -15.52 14.73
C GLY B 51 -15.75 -14.08 14.78
N PRO B 52 -16.75 -13.18 14.70
CA PRO B 52 -16.56 -11.73 14.76
C PRO B 52 -16.06 -11.25 16.12
N GLU B 53 -16.06 -12.13 17.12
CA GLU B 53 -15.58 -11.76 18.45
C GLU B 53 -14.04 -11.70 18.52
N ASN B 54 -13.39 -12.14 17.44
CA ASN B 54 -11.95 -11.95 17.26
C ASN B 54 -11.74 -10.78 16.32
N PRO B 55 -11.21 -9.66 16.85
CA PRO B 55 -11.06 -8.46 16.03
C PRO B 55 -9.71 -8.35 15.32
N TYR B 56 -8.83 -9.34 15.48
CA TYR B 56 -7.48 -9.29 14.91
C TYR B 56 -7.43 -9.71 13.46
N ASN B 57 -6.42 -9.24 12.73
CA ASN B 57 -6.17 -9.73 11.38
C ASN B 57 -4.73 -9.54 10.92
N THR B 58 -4.25 -10.51 10.16
CA THR B 58 -2.93 -10.50 9.55
C THR B 58 -3.12 -10.85 8.06
N PRO B 59 -2.45 -10.14 7.13
CA PRO B 59 -2.69 -10.40 5.70
C PRO B 59 -2.15 -11.76 5.28
N VAL B 60 -2.75 -12.38 4.26
CA VAL B 60 -2.23 -13.63 3.71
C VAL B 60 -2.14 -13.55 2.21
N PHE B 61 -1.15 -14.22 1.66
CA PHE B 61 -0.85 -14.18 0.24
C PHE B 61 -0.69 -15.62 -0.22
N ALA B 62 -0.61 -15.82 -1.53
CA ALA B 62 -0.23 -17.11 -2.10
C ALA B 62 0.98 -16.95 -3.01
N ILE B 63 1.95 -17.84 -2.90
CA ILE B 63 3.11 -17.80 -3.78
C ILE B 63 3.32 -19.16 -4.45
N LYS B 64 4.06 -19.16 -5.55
CA LYS B 64 4.17 -20.33 -6.42
C LYS B 64 5.38 -21.20 -6.10
N LYS B 65 5.98 -20.96 -4.92
CA LYS B 65 7.03 -21.83 -4.39
C LYS B 65 8.09 -22.21 -5.42
N SER B 68 8.54 -24.89 -8.57
CA SER B 68 7.42 -25.81 -8.70
C SER B 68 6.14 -25.10 -9.16
N THR B 69 5.12 -25.89 -9.49
CA THR B 69 3.82 -25.35 -9.88
C THR B 69 2.78 -25.58 -8.80
N LYS B 70 3.23 -25.72 -7.56
CA LYS B 70 2.32 -25.88 -6.42
C LYS B 70 2.25 -24.61 -5.57
N TRP B 71 1.09 -23.97 -5.55
CA TRP B 71 0.86 -22.81 -4.68
C TRP B 71 1.21 -23.10 -3.22
N ARG B 72 1.45 -22.03 -2.47
CA ARG B 72 1.92 -22.16 -1.11
C ARG B 72 1.46 -20.94 -0.31
N LYS B 73 0.85 -21.17 0.84
CA LYS B 73 0.36 -20.07 1.65
C LYS B 73 1.50 -19.29 2.30
N LEU B 74 1.40 -17.98 2.25
CA LEU B 74 2.38 -17.11 2.90
C LEU B 74 1.67 -16.10 3.78
N VAL B 75 1.87 -16.20 5.08
CA VAL B 75 1.21 -15.28 5.98
C VAL B 75 2.17 -14.17 6.37
N ASP B 76 1.72 -12.92 6.19
CA ASP B 76 2.56 -11.76 6.50
C ASP B 76 2.45 -11.41 7.99
N PHE B 77 3.30 -12.02 8.81
CA PHE B 77 3.28 -11.78 10.26
C PHE B 77 4.17 -10.62 10.71
N ARG B 78 4.56 -9.74 9.79
CA ARG B 78 5.44 -8.64 10.14
C ARG B 78 4.98 -7.85 11.37
N GLU B 79 3.68 -7.55 11.45
CA GLU B 79 3.16 -6.76 12.57
C GLU B 79 3.10 -7.57 13.88
N LEU B 80 2.59 -8.79 13.81
CA LEU B 80 2.58 -9.67 14.97
C LEU B 80 4.02 -9.84 15.48
N ASN B 81 4.95 -10.10 14.56
CA ASN B 81 6.38 -10.18 14.93
C ASN B 81 6.88 -8.97 15.70
N LYS B 82 6.54 -7.78 15.22
CA LYS B 82 6.98 -6.56 15.90
C LYS B 82 6.39 -6.49 17.30
N ARG B 83 5.18 -6.97 17.46
CA ARG B 83 4.46 -6.87 18.73
C ARG B 83 4.76 -8.03 19.66
N THR B 84 5.63 -8.94 19.20
CA THR B 84 5.99 -10.15 19.93
C THR B 84 7.50 -10.14 20.24
N GLN B 85 8.17 -9.05 19.90
CA GLN B 85 9.64 -9.02 19.89
C GLN B 85 10.30 -9.37 21.22
N ASP B 86 9.74 -8.90 22.33
CA ASP B 86 10.28 -9.25 23.64
C ASP B 86 10.31 -10.79 23.76
N PHE B 87 9.23 -11.43 23.30
CA PHE B 87 9.14 -12.88 23.39
C PHE B 87 10.22 -13.64 22.60
N TRP B 88 10.20 -13.51 21.28
CA TRP B 88 11.13 -14.28 20.43
C TRP B 88 12.60 -13.82 20.50
N GLU B 89 12.85 -12.59 20.93
CA GLU B 89 14.22 -12.09 20.95
C GLU B 89 14.92 -12.19 22.30
N VAL B 90 14.33 -11.62 23.35
CA VAL B 90 15.00 -11.53 24.64
C VAL B 90 14.68 -12.72 25.54
N GLN B 91 13.47 -13.26 25.40
CA GLN B 91 13.05 -14.34 26.27
C GLN B 91 13.57 -15.68 25.73
N LEU B 92 13.44 -15.88 24.42
CA LEU B 92 13.78 -17.16 23.82
C LEU B 92 14.62 -16.96 22.56
N GLY B 93 15.51 -15.97 22.59
CA GLY B 93 16.34 -15.68 21.44
C GLY B 93 17.12 -16.87 20.92
N ILE B 94 17.43 -16.86 19.62
CA ILE B 94 18.25 -17.89 19.01
C ILE B 94 19.56 -17.24 18.58
N PRO B 95 20.67 -17.63 19.20
CA PRO B 95 21.95 -16.97 18.91
C PRO B 95 22.42 -17.21 17.47
N HIS B 96 23.02 -16.17 16.89
CA HIS B 96 23.55 -16.21 15.53
C HIS B 96 25.05 -16.50 15.54
N PRO B 97 25.47 -17.59 14.88
CA PRO B 97 26.88 -17.97 14.81
C PRO B 97 27.67 -17.10 13.83
N ALA B 98 28.78 -16.54 14.30
CA ALA B 98 29.63 -15.72 13.45
C ALA B 98 30.35 -16.58 12.43
N GLY B 99 30.40 -17.89 12.65
CA GLY B 99 31.11 -18.76 11.74
C GLY B 99 30.41 -19.05 10.41
N LEU B 100 29.08 -18.89 10.37
CA LEU B 100 28.32 -19.27 9.18
C LEU B 100 28.83 -18.55 7.92
N LYS B 101 29.03 -17.24 8.03
CA LYS B 101 29.41 -16.44 6.85
C LYS B 101 30.80 -16.76 6.30
N LYS B 102 31.56 -17.57 7.02
CA LYS B 102 32.92 -17.92 6.62
C LYS B 102 32.97 -19.24 5.87
N LYS B 103 31.83 -19.90 5.71
CA LYS B 103 31.83 -21.22 5.12
C LYS B 103 31.86 -21.14 3.61
N LYS B 104 32.46 -22.13 2.98
CA LYS B 104 32.54 -22.16 1.53
C LYS B 104 31.16 -22.33 0.87
N SER B 105 30.31 -23.11 1.51
CA SER B 105 28.99 -23.38 0.97
C SER B 105 27.95 -23.30 2.09
N VAL B 106 26.82 -22.65 1.81
CA VAL B 106 25.69 -22.64 2.74
C VAL B 106 24.40 -23.02 2.02
N THR B 107 23.75 -24.09 2.48
CA THR B 107 22.46 -24.46 1.88
C THR B 107 21.31 -24.06 2.80
N VAL B 108 20.29 -23.47 2.19
CA VAL B 108 19.09 -23.07 2.93
C VAL B 108 18.04 -24.18 2.81
N LEU B 109 17.51 -24.63 3.95
CA LEU B 109 16.43 -25.63 3.96
C LEU B 109 15.15 -25.10 4.59
N ASP B 110 14.00 -25.34 3.95
CA ASP B 110 12.69 -25.02 4.53
C ASP B 110 12.26 -26.10 5.54
N VAL B 111 12.20 -25.75 6.82
CA VAL B 111 11.77 -26.69 7.86
C VAL B 111 10.46 -26.25 8.50
N GLY B 112 9.74 -25.36 7.83
CA GLY B 112 8.48 -24.84 8.32
C GLY B 112 7.45 -25.91 8.71
N ASP B 113 7.35 -26.97 7.89
CA ASP B 113 6.42 -28.07 8.18
C ASP B 113 6.54 -28.60 9.61
N ALA B 114 7.69 -28.38 10.24
CA ALA B 114 7.94 -28.83 11.60
C ALA B 114 6.91 -28.28 12.59
N TYR B 115 6.61 -27.00 12.44
CA TYR B 115 5.79 -26.25 13.40
C TYR B 115 4.38 -26.77 13.55
N PHE B 116 3.86 -27.40 12.50
CA PHE B 116 2.46 -27.76 12.48
C PHE B 116 2.17 -28.95 13.38
N SER B 117 3.21 -29.47 14.01
CA SER B 117 3.04 -30.57 14.96
C SER B 117 3.22 -30.13 16.42
N VAL B 118 3.28 -28.82 16.65
CA VAL B 118 3.37 -28.31 18.02
C VAL B 118 2.18 -27.41 18.27
N PRO B 119 1.37 -27.73 19.30
CA PRO B 119 0.20 -26.91 19.60
C PRO B 119 0.61 -25.52 20.07
N LEU B 120 -0.22 -24.54 19.75
CA LEU B 120 0.02 -23.15 20.10
C LEU B 120 -0.75 -22.78 21.37
N ASP B 121 -0.11 -22.05 22.26
CA ASP B 121 -0.74 -21.56 23.48
C ASP B 121 -2.17 -21.10 23.18
N GLU B 122 -3.15 -21.68 23.86
CA GLU B 122 -4.55 -21.44 23.54
C GLU B 122 -4.96 -19.95 23.60
N ASP B 123 -4.45 -19.24 24.59
CA ASP B 123 -4.77 -17.83 24.77
C ASP B 123 -4.08 -16.90 23.77
N PHE B 124 -3.15 -17.42 22.98
CA PHE B 124 -2.44 -16.60 21.99
C PHE B 124 -3.03 -16.79 20.62
N ARG B 125 -3.79 -17.87 20.43
CA ARG B 125 -4.28 -18.24 19.13
C ARG B 125 -5.04 -17.12 18.42
N LYS B 126 -5.75 -16.30 19.19
CA LYS B 126 -6.61 -15.28 18.59
C LYS B 126 -5.81 -14.28 17.76
N TYR B 127 -4.56 -14.03 18.14
CA TYR B 127 -3.75 -13.01 17.48
C TYR B 127 -3.26 -13.41 16.10
N THR B 128 -3.54 -14.65 15.73
CA THR B 128 -3.02 -15.18 14.49
C THR B 128 -4.12 -15.24 13.45
N ALA B 129 -5.20 -14.50 13.71
CA ALA B 129 -6.35 -14.47 12.82
C ALA B 129 -5.97 -13.96 11.43
N PHE B 130 -6.54 -14.59 10.41
CA PHE B 130 -6.41 -14.07 9.05
C PHE B 130 -7.70 -14.28 8.27
N THR B 131 -7.74 -13.71 7.07
CA THR B 131 -8.95 -13.69 6.26
C THR B 131 -8.63 -14.01 4.82
N ILE B 132 -9.34 -14.95 4.24
CA ILE B 132 -9.29 -15.17 2.79
C ILE B 132 -10.38 -14.27 2.17
N PRO B 133 -9.99 -13.26 1.36
CA PRO B 133 -11.06 -12.39 0.87
C PRO B 133 -11.79 -12.99 -0.33
N SER B 134 -12.90 -12.37 -0.72
CA SER B 134 -13.60 -12.74 -1.94
C SER B 134 -13.33 -11.67 -2.99
N ILE B 135 -13.61 -11.97 -4.24
CA ILE B 135 -13.44 -10.96 -5.29
C ILE B 135 -14.58 -9.97 -5.15
N ASN B 136 -14.28 -8.67 -5.27
CA ASN B 136 -15.29 -7.62 -5.34
C ASN B 136 -16.18 -7.58 -4.06
N ASN B 137 -15.66 -8.10 -2.95
CA ASN B 137 -16.38 -8.05 -1.68
C ASN B 137 -17.78 -8.66 -1.80
N GLU B 138 -17.93 -9.66 -2.66
CA GLU B 138 -19.25 -10.22 -2.94
C GLU B 138 -19.79 -11.11 -1.80
N THR B 139 -18.88 -11.63 -0.99
CA THR B 139 -19.21 -12.36 0.21
C THR B 139 -18.20 -12.04 1.30
N PRO B 140 -18.61 -12.21 2.56
CA PRO B 140 -17.67 -11.92 3.65
C PRO B 140 -16.45 -12.82 3.52
N GLY B 141 -15.28 -12.32 3.89
CA GLY B 141 -14.09 -13.14 3.88
C GLY B 141 -14.22 -14.34 4.80
N ILE B 142 -13.50 -15.41 4.51
CA ILE B 142 -13.41 -16.57 5.40
C ILE B 142 -12.35 -16.35 6.47
N ARG B 143 -12.73 -16.47 7.73
CA ARG B 143 -11.83 -16.14 8.83
C ARG B 143 -11.33 -17.37 9.59
N TYR B 144 -10.01 -17.44 9.80
CA TYR B 144 -9.39 -18.50 10.61
C TYR B 144 -8.38 -17.97 11.61
N GLN B 145 -8.05 -18.82 12.57
CA GLN B 145 -6.88 -18.60 13.41
C GLN B 145 -6.15 -19.94 13.53
N TYR B 146 -4.92 -19.89 14.03
CA TYR B 146 -4.08 -21.07 14.14
C TYR B 146 -4.31 -21.82 15.45
N ASN B 147 -4.18 -23.15 15.40
CA ASN B 147 -4.13 -23.99 16.61
C ASN B 147 -2.72 -24.50 16.91
N VAL B 148 -1.83 -24.40 15.93
CA VAL B 148 -0.45 -24.83 16.04
C VAL B 148 0.50 -23.68 15.69
N LEU B 149 1.79 -23.85 15.97
CA LEU B 149 2.78 -22.84 15.64
C LEU B 149 2.68 -22.47 14.16
N PRO B 150 2.53 -21.16 13.85
CA PRO B 150 2.39 -20.87 12.42
C PRO B 150 3.72 -20.57 11.72
N GLN B 151 3.80 -20.95 10.45
CA GLN B 151 4.95 -20.58 9.64
C GLN B 151 4.97 -19.07 9.48
N GLY B 152 6.16 -18.48 9.59
CA GLY B 152 6.29 -17.04 9.39
C GLY B 152 6.21 -16.21 10.66
N TRP B 153 5.89 -16.85 11.78
CA TRP B 153 5.87 -16.15 13.07
C TRP B 153 7.19 -16.40 13.80
N LYS B 154 7.83 -15.34 14.30
CA LYS B 154 9.17 -15.47 14.89
C LYS B 154 9.10 -16.22 16.21
N GLY B 155 7.89 -16.36 16.73
CA GLY B 155 7.66 -17.13 17.94
C GLY B 155 7.82 -18.63 17.71
N SER B 156 7.56 -19.07 16.49
CA SER B 156 7.57 -20.51 16.20
C SER B 156 8.96 -21.15 16.39
N PRO B 157 9.98 -20.66 15.69
CA PRO B 157 11.33 -21.23 15.92
C PRO B 157 11.77 -21.07 17.38
N ALA B 158 11.41 -19.95 18.02
CA ALA B 158 11.82 -19.69 19.39
C ALA B 158 11.24 -20.75 20.33
N ILE B 159 9.97 -21.07 20.13
CA ILE B 159 9.31 -22.11 20.89
C ILE B 159 9.82 -23.50 20.50
N PHE B 160 10.06 -23.71 19.22
CA PHE B 160 10.44 -25.04 18.73
C PHE B 160 11.91 -25.41 18.92
N GLN B 161 12.72 -24.48 19.39
CA GLN B 161 14.17 -24.65 19.30
C GLN B 161 14.77 -25.77 20.17
N SER B 162 14.20 -26.00 21.34
CA SER B 162 14.70 -27.11 22.17
C SER B 162 14.40 -28.45 21.49
N SER B 163 13.29 -28.53 20.78
CA SER B 163 13.03 -29.70 19.95
C SER B 163 14.05 -29.78 18.80
N MET B 164 14.37 -28.64 18.21
CA MET B 164 15.31 -28.63 17.09
C MET B 164 16.70 -29.06 17.53
N THR B 165 17.13 -28.55 18.68
CA THR B 165 18.43 -28.91 19.22
C THR B 165 18.54 -30.43 19.40
N LYS B 166 17.51 -31.01 20.00
CA LYS B 166 17.46 -32.45 20.21
C LYS B 166 17.48 -33.18 18.87
N ILE B 167 16.79 -32.63 17.88
CA ILE B 167 16.76 -33.24 16.55
C ILE B 167 18.10 -33.23 15.85
N LEU B 168 18.85 -32.15 16.01
CA LEU B 168 20.08 -31.96 15.27
C LEU B 168 21.29 -32.52 16.04
N GLU B 169 21.08 -32.84 17.31
CA GLU B 169 22.17 -33.21 18.21
C GLU B 169 23.08 -34.32 17.67
N PRO B 170 22.50 -35.43 17.18
CA PRO B 170 23.34 -36.49 16.61
C PRO B 170 24.13 -36.01 15.40
N PHE B 171 23.49 -35.25 14.53
CA PHE B 171 24.16 -34.80 13.33
C PHE B 171 25.31 -33.82 13.65
N ARG B 172 25.08 -32.93 14.59
CA ARG B 172 26.11 -31.96 14.97
C ARG B 172 27.32 -32.68 15.59
N LYS B 173 27.04 -33.60 16.52
CA LYS B 173 28.09 -34.41 17.13
C LYS B 173 28.93 -35.16 16.09
N GLN B 174 28.28 -35.68 15.05
CA GLN B 174 28.97 -36.48 14.02
C GLN B 174 29.68 -35.63 12.99
N ASN B 175 29.33 -34.35 12.90
CA ASN B 175 30.00 -33.44 11.97
C ASN B 175 30.26 -32.09 12.63
N PRO B 176 31.22 -32.06 13.57
CA PRO B 176 31.51 -30.91 14.43
C PRO B 176 31.89 -29.62 13.67
N ASP B 177 32.35 -29.73 12.43
CA ASP B 177 32.72 -28.55 11.67
C ASP B 177 31.58 -28.00 10.81
N ILE B 178 30.40 -28.59 10.90
CA ILE B 178 29.29 -28.09 10.10
C ILE B 178 28.51 -27.11 10.95
N VAL B 179 28.21 -25.94 10.38
CA VAL B 179 27.46 -24.94 11.14
C VAL B 179 25.99 -24.94 10.70
N ILE B 180 25.08 -25.08 11.65
CA ILE B 180 23.65 -25.08 11.35
C ILE B 180 22.93 -23.99 12.14
N TYR B 181 22.21 -23.13 11.41
CA TYR B 181 21.58 -21.95 12.00
C TYR B 181 20.12 -21.84 11.59
N GLN B 182 19.25 -21.63 12.56
CA GLN B 182 17.84 -21.51 12.28
C GLN B 182 17.40 -20.05 12.27
N TYR B 183 16.71 -19.64 11.21
CA TYR B 183 16.11 -18.32 11.18
C TYR B 183 14.70 -18.45 10.61
N MET B 184 13.71 -18.12 11.43
CA MET B 184 12.32 -18.28 11.03
C MET B 184 12.00 -19.70 10.50
N ASP B 185 11.50 -19.81 9.28
CA ASP B 185 11.13 -21.11 8.75
C ASP B 185 12.30 -21.89 8.16
N ASP B 186 13.49 -21.29 8.10
CA ASP B 186 14.60 -21.91 7.40
C ASP B 186 15.77 -22.38 8.26
N LEU B 187 16.51 -23.33 7.72
CA LEU B 187 17.75 -23.80 8.32
C LEU B 187 18.89 -23.50 7.36
N TYR B 188 19.93 -22.86 7.87
CA TYR B 188 21.11 -22.54 7.08
C TYR B 188 22.23 -23.49 7.50
N VAL B 189 22.84 -24.17 6.54
CA VAL B 189 23.80 -25.22 6.86
C VAL B 189 25.07 -24.99 6.08
N GLY B 190 26.16 -24.71 6.78
CA GLY B 190 27.38 -24.31 6.12
C GLY B 190 28.53 -25.28 6.37
N SER B 191 29.35 -25.52 5.37
CA SER B 191 30.56 -26.29 5.60
C SER B 191 31.65 -25.87 4.63
N ASP B 192 32.84 -26.43 4.80
CA ASP B 192 33.96 -26.15 3.93
C ASP B 192 34.31 -27.31 2.99
N LEU B 193 33.35 -28.21 2.78
CA LEU B 193 33.56 -29.43 2.00
C LEU B 193 33.48 -29.16 0.51
N GLU B 194 34.15 -29.99 -0.30
CA GLU B 194 33.98 -29.89 -1.75
C GLU B 194 32.49 -29.99 -2.05
N ILE B 195 32.05 -29.38 -3.15
CA ILE B 195 30.62 -29.23 -3.40
C ILE B 195 29.85 -30.56 -3.35
N GLY B 196 30.44 -31.61 -3.91
CA GLY B 196 29.86 -32.94 -3.88
C GLY B 196 29.64 -33.48 -2.48
N GLN B 197 30.67 -33.40 -1.64
CA GLN B 197 30.59 -33.91 -0.26
C GLN B 197 29.65 -33.07 0.59
N HIS B 198 29.54 -31.79 0.26
CA HIS B 198 28.62 -30.92 0.99
C HIS B 198 27.19 -31.38 0.73
N ARG B 199 26.88 -31.68 -0.51
CA ARG B 199 25.54 -32.08 -0.89
C ARG B 199 25.16 -33.41 -0.23
N THR B 200 26.13 -34.31 -0.14
CA THR B 200 25.92 -35.58 0.54
C THR B 200 25.54 -35.36 1.99
N LYS B 201 26.22 -34.41 2.65
CA LYS B 201 25.88 -34.10 4.03
C LYS B 201 24.49 -33.47 4.18
N ILE B 202 24.09 -32.66 3.21
CA ILE B 202 22.77 -32.04 3.28
C ILE B 202 21.68 -33.12 3.17
N GLU B 203 21.84 -34.03 2.22
CA GLU B 203 20.91 -35.13 2.09
C GLU B 203 20.85 -35.94 3.39
N GLU B 204 22.01 -36.16 4.00
CA GLU B 204 22.08 -36.82 5.29
C GLU B 204 21.28 -36.08 6.34
N LEU B 205 21.44 -34.78 6.40
CA LEU B 205 20.71 -33.97 7.37
C LEU B 205 19.21 -34.13 7.16
N ARG B 206 18.80 -34.10 5.89
CA ARG B 206 17.37 -34.19 5.56
C ARG B 206 16.78 -35.50 6.07
N GLN B 207 17.56 -36.58 5.99
CA GLN B 207 17.11 -37.87 6.54
C GLN B 207 16.85 -37.74 8.02
N HIS B 208 17.77 -37.13 8.76
CA HIS B 208 17.54 -36.91 10.18
C HIS B 208 16.23 -36.16 10.38
N LEU B 209 16.12 -35.03 9.67
CA LEU B 209 14.94 -34.17 9.73
C LEU B 209 13.69 -34.98 9.45
N LEU B 210 13.70 -35.72 8.35
CA LEU B 210 12.58 -36.54 7.92
C LEU B 210 11.97 -37.43 9.02
N ARG B 211 12.81 -37.96 9.91
CA ARG B 211 12.30 -38.79 11.02
C ARG B 211 11.39 -38.00 11.96
N TRP B 212 11.42 -36.68 11.84
CA TRP B 212 10.64 -35.81 12.73
C TRP B 212 9.60 -34.98 11.97
N GLY B 213 9.42 -35.29 10.69
CA GLY B 213 8.44 -34.62 9.85
C GLY B 213 8.85 -33.26 9.32
N LEU B 214 10.16 -33.02 9.16
CA LEU B 214 10.65 -31.69 8.78
C LEU B 214 11.08 -31.56 7.31
N THR B 215 11.30 -32.68 6.63
CA THR B 215 11.67 -32.69 5.20
C THR B 215 12.63 -31.55 4.78
N TYR B 232 18.81 -24.57 -2.56
CA TYR B 232 19.33 -23.19 -2.57
C TYR B 232 20.73 -23.09 -1.94
N GLU B 233 21.77 -22.92 -2.78
CA GLU B 233 23.18 -22.94 -2.34
C GLU B 233 23.95 -21.61 -2.40
N LEU B 234 24.41 -21.12 -1.25
CA LEU B 234 25.16 -19.86 -1.17
C LEU B 234 26.65 -20.12 -0.98
N HIS B 235 27.46 -19.11 -1.26
CA HIS B 235 28.91 -19.23 -1.10
C HIS B 235 29.47 -17.96 -0.49
N PRO B 236 29.27 -17.78 0.81
CA PRO B 236 29.56 -16.53 1.53
C PRO B 236 31.03 -16.06 1.43
N ASP B 237 31.99 -16.96 1.59
CA ASP B 237 33.39 -16.55 1.45
C ASP B 237 33.73 -16.12 0.02
N LYS B 238 32.71 -16.01 -0.84
CA LYS B 238 32.91 -15.51 -2.20
C LYS B 238 32.06 -14.27 -2.42
N TRP B 239 31.57 -13.73 -1.30
CA TRP B 239 30.92 -12.43 -1.31
C TRP B 239 32.02 -11.39 -1.15
N THR B 240 32.16 -10.54 -2.14
CA THR B 240 33.20 -9.52 -2.15
C THR B 240 32.59 -8.13 -2.15
N VAL B 241 33.17 -7.23 -1.37
CA VAL B 241 32.79 -5.82 -1.42
C VAL B 241 32.60 -5.40 -2.88
N GLN B 242 31.60 -4.57 -3.14
CA GLN B 242 31.43 -3.99 -4.45
C GLN B 242 31.99 -2.56 -4.42
N PRO B 243 33.28 -2.42 -4.74
CA PRO B 243 33.92 -1.10 -4.62
C PRO B 243 33.19 -0.01 -5.37
N ILE B 244 33.34 1.21 -4.88
CA ILE B 244 33.09 2.39 -5.68
C ILE B 244 34.18 2.46 -6.75
N VAL B 245 33.76 2.61 -8.01
CA VAL B 245 34.69 2.51 -9.12
C VAL B 245 35.11 3.89 -9.67
N LEU B 246 36.41 4.07 -9.86
CA LEU B 246 36.95 5.30 -10.45
C LEU B 246 37.29 5.08 -11.92
N PRO B 247 36.88 6.01 -12.79
CA PRO B 247 37.11 5.78 -14.22
C PRO B 247 38.59 5.71 -14.56
N GLU B 248 38.94 4.79 -15.44
CA GLU B 248 40.31 4.67 -15.92
C GLU B 248 40.38 5.28 -17.31
N LYS B 249 40.87 6.50 -17.41
CA LYS B 249 40.74 7.24 -18.66
C LYS B 249 42.01 7.38 -19.48
N ASP B 250 41.80 7.27 -20.78
CA ASP B 250 42.75 7.66 -21.81
C ASP B 250 43.23 9.10 -21.58
N SER B 251 42.32 10.06 -21.79
CA SER B 251 42.54 11.47 -21.45
C SER B 251 41.32 12.00 -20.70
N TRP B 252 41.47 13.13 -20.02
CA TRP B 252 40.41 13.64 -19.14
C TRP B 252 39.93 15.03 -19.52
N THR B 253 38.61 15.21 -19.57
CA THR B 253 38.01 16.52 -19.79
C THR B 253 37.71 17.21 -18.47
N VAL B 254 37.43 18.51 -18.53
CA VAL B 254 37.00 19.23 -17.34
C VAL B 254 35.76 18.53 -16.74
N ASN B 255 34.80 18.17 -17.59
CA ASN B 255 33.63 17.39 -17.16
C ASN B 255 34.04 16.13 -16.38
N ASP B 256 34.93 15.34 -16.97
CA ASP B 256 35.41 14.10 -16.32
C ASP B 256 35.98 14.36 -14.95
N ILE B 257 36.75 15.44 -14.82
CA ILE B 257 37.44 15.74 -13.57
C ILE B 257 36.43 16.26 -12.57
N GLN B 258 35.43 16.96 -13.08
CA GLN B 258 34.38 17.49 -12.23
C GLN B 258 33.56 16.36 -11.64
N LYS B 259 33.20 15.37 -12.47
CA LYS B 259 32.51 14.16 -12.01
C LYS B 259 33.35 13.46 -10.95
N LEU B 260 34.60 13.22 -11.29
CA LEU B 260 35.53 12.55 -10.38
C LEU B 260 35.59 13.19 -8.99
N VAL B 261 35.74 14.50 -8.95
CA VAL B 261 35.83 15.21 -7.67
C VAL B 261 34.52 15.11 -6.87
N GLY B 262 33.38 15.27 -7.56
CA GLY B 262 32.10 15.08 -6.91
C GLY B 262 32.01 13.73 -6.23
N LYS B 263 32.31 12.68 -7.01
CA LYS B 263 32.27 11.30 -6.54
C LYS B 263 33.21 11.06 -5.36
N LEU B 264 34.42 11.58 -5.46
CA LEU B 264 35.46 11.35 -4.47
C LEU B 264 35.11 12.11 -3.21
N ASN B 265 34.50 13.27 -3.39
CA ASN B 265 34.09 14.12 -2.28
C ASN B 265 33.05 13.40 -1.43
N TRP B 266 32.10 12.77 -2.11
CA TRP B 266 31.11 11.95 -1.45
C TRP B 266 31.80 10.77 -0.75
N ALA B 267 32.73 10.11 -1.45
CA ALA B 267 33.44 8.97 -0.86
C ALA B 267 34.08 9.35 0.47
N SER B 268 34.63 10.56 0.54
CA SER B 268 35.33 11.03 1.74
C SER B 268 34.43 11.20 2.95
N GLN B 269 33.13 11.21 2.73
CA GLN B 269 32.18 11.21 3.84
C GLN B 269 32.04 9.81 4.43
N ILE B 270 32.71 8.83 3.82
CA ILE B 270 32.59 7.43 4.22
C ILE B 270 33.95 6.84 4.60
N TYR B 271 34.91 6.97 3.68
CA TYR B 271 36.24 6.38 3.81
C TYR B 271 37.25 7.40 4.30
N PRO B 272 37.87 7.13 5.46
CA PRO B 272 38.98 7.97 5.92
C PRO B 272 40.12 7.94 4.92
N GLY B 273 40.75 9.09 4.69
CA GLY B 273 41.96 9.13 3.86
C GLY B 273 41.78 9.63 2.44
N ILE B 274 40.55 9.61 1.94
CA ILE B 274 40.25 10.08 0.59
C ILE B 274 40.71 11.52 0.38
N LYS B 275 41.54 11.74 -0.64
CA LYS B 275 42.10 13.05 -0.97
C LYS B 275 41.69 13.58 -2.35
N VAL B 276 41.32 14.86 -2.44
CA VAL B 276 40.94 15.48 -3.71
C VAL B 276 41.67 16.79 -3.99
N ARG B 277 42.44 17.26 -3.01
CA ARG B 277 43.20 18.50 -3.14
C ARG B 277 43.87 18.64 -4.50
N GLN B 278 44.75 17.70 -4.83
CA GLN B 278 45.51 17.73 -6.08
C GLN B 278 44.62 17.72 -7.30
N LEU B 279 43.63 16.82 -7.30
CA LEU B 279 42.73 16.70 -8.44
C LEU B 279 42.02 18.03 -8.66
N CYS B 280 41.66 18.69 -7.57
CA CYS B 280 40.94 19.94 -7.67
C CYS B 280 41.79 21.07 -8.27
N LYS B 281 43.10 21.04 -8.03
CA LYS B 281 43.97 22.06 -8.63
C LYS B 281 43.72 22.19 -10.13
N LEU B 282 43.59 21.05 -10.81
CA LEU B 282 43.34 21.04 -12.25
C LEU B 282 42.11 21.88 -12.63
N LEU B 283 41.17 22.01 -11.71
CA LEU B 283 39.93 22.75 -11.99
C LEU B 283 40.07 24.23 -11.68
N ARG B 284 41.14 24.85 -12.18
CA ARG B 284 41.34 26.27 -11.98
C ARG B 284 40.81 27.08 -13.16
N GLY B 285 40.15 28.19 -12.87
CA GLY B 285 39.57 29.03 -13.90
C GLY B 285 38.17 28.57 -14.30
N THR B 286 37.50 29.39 -15.11
CA THR B 286 36.14 29.10 -15.55
C THR B 286 36.16 28.45 -16.93
N LYS B 287 36.29 27.11 -16.96
CA LYS B 287 36.65 26.37 -18.18
C LYS B 287 35.54 25.55 -18.85
N ALA B 288 35.71 25.34 -20.15
CA ALA B 288 34.79 24.57 -20.97
C ALA B 288 34.77 23.10 -20.57
N LEU B 289 33.56 22.55 -20.46
CA LEU B 289 33.36 21.17 -20.05
C LEU B 289 34.13 20.15 -20.88
N THR B 290 34.19 20.36 -22.19
CA THR B 290 34.85 19.39 -23.06
C THR B 290 36.37 19.62 -23.22
N GLU B 291 36.90 20.68 -22.59
CA GLU B 291 38.34 20.92 -22.71
C GLU B 291 39.11 19.76 -22.11
N VAL B 292 40.03 19.21 -22.90
CA VAL B 292 40.93 18.18 -22.41
C VAL B 292 41.97 18.82 -21.48
N ILE B 293 42.28 18.15 -20.38
CA ILE B 293 43.28 18.69 -19.47
C ILE B 293 44.15 17.60 -18.84
N PRO B 294 45.45 17.64 -19.16
CA PRO B 294 46.42 16.61 -18.74
C PRO B 294 46.53 16.54 -17.23
N LEU B 295 46.62 15.34 -16.68
CA LEU B 295 46.75 15.16 -15.25
C LEU B 295 48.16 15.50 -14.80
N THR B 296 48.27 16.19 -13.66
CA THR B 296 49.57 16.40 -13.05
C THR B 296 49.94 15.13 -12.29
N GLU B 297 51.21 14.76 -12.38
CA GLU B 297 51.75 13.52 -11.84
C GLU B 297 51.32 13.18 -10.39
N GLU B 298 51.03 14.20 -9.61
CA GLU B 298 50.64 14.03 -8.21
C GLU B 298 49.13 13.82 -8.07
N ALA B 299 48.38 14.41 -8.97
CA ALA B 299 46.96 14.15 -9.03
C ALA B 299 46.77 12.69 -9.39
N GLU B 300 47.63 12.22 -10.31
CA GLU B 300 47.58 10.84 -10.76
C GLU B 300 47.84 9.91 -9.58
N LEU B 301 48.70 10.36 -8.67
CA LEU B 301 49.07 9.59 -7.49
C LEU B 301 47.89 9.58 -6.51
N GLU B 302 47.36 10.77 -6.28
CA GLU B 302 46.16 10.94 -5.48
C GLU B 302 45.07 9.98 -5.93
N LEU B 303 44.94 9.83 -7.24
CA LEU B 303 43.91 8.98 -7.83
C LEU B 303 44.17 7.51 -7.48
N ALA B 304 45.41 7.07 -7.67
CA ALA B 304 45.79 5.69 -7.38
C ALA B 304 45.49 5.32 -5.92
N GLU B 305 45.80 6.23 -5.01
CA GLU B 305 45.63 6.01 -3.58
C GLU B 305 44.16 5.91 -3.19
N ASN B 306 43.34 6.81 -3.71
CA ASN B 306 41.91 6.73 -3.49
C ASN B 306 41.36 5.41 -4.01
N ARG B 307 41.79 5.03 -5.20
CA ARG B 307 41.38 3.77 -5.81
C ARG B 307 41.76 2.62 -4.86
N GLU B 308 42.94 2.71 -4.27
CA GLU B 308 43.46 1.69 -3.37
C GLU B 308 42.58 1.55 -2.12
N ILE B 309 42.09 2.69 -1.62
CA ILE B 309 41.26 2.73 -0.42
C ILE B 309 39.85 2.20 -0.67
N LEU B 310 39.34 2.47 -1.86
CA LEU B 310 37.96 2.13 -2.20
C LEU B 310 37.76 0.62 -2.35
N LYS B 311 38.87 -0.12 -2.44
CA LYS B 311 38.82 -1.58 -2.48
C LYS B 311 38.39 -2.20 -1.15
N GLU B 312 38.88 -1.65 -0.04
CA GLU B 312 38.66 -2.27 1.27
C GLU B 312 37.37 -1.85 1.96
N PRO B 313 36.94 -2.64 2.96
CA PRO B 313 35.76 -2.23 3.73
C PRO B 313 36.08 -0.91 4.42
N VAL B 314 35.04 -0.17 4.79
CA VAL B 314 35.26 1.09 5.46
C VAL B 314 35.89 0.86 6.84
N HIS B 315 37.07 1.44 7.04
CA HIS B 315 37.69 1.42 8.35
C HIS B 315 36.71 2.15 9.27
N GLY B 316 36.31 1.50 10.36
CA GLY B 316 35.60 2.20 11.41
C GLY B 316 34.12 1.92 11.56
N VAL B 317 33.58 1.05 10.70
CA VAL B 317 32.16 0.75 10.76
C VAL B 317 31.95 -0.66 11.29
N TYR B 318 31.19 -0.76 12.38
CA TYR B 318 30.90 -2.02 13.03
C TYR B 318 29.41 -2.23 13.27
N TYR B 319 28.99 -3.48 13.20
CA TYR B 319 27.59 -3.83 13.41
C TYR B 319 27.19 -3.61 14.85
N ASP B 320 26.05 -2.94 15.06
CA ASP B 320 25.52 -2.76 16.41
C ASP B 320 24.21 -3.55 16.54
N PRO B 321 24.20 -4.59 17.40
CA PRO B 321 23.12 -5.57 17.58
C PRO B 321 21.84 -4.99 18.17
N SER B 322 21.92 -3.80 18.76
CA SER B 322 20.74 -3.13 19.29
C SER B 322 20.12 -2.15 18.30
N LYS B 323 20.54 -2.20 17.04
CA LYS B 323 20.03 -1.26 16.04
C LYS B 323 19.55 -1.97 14.77
N ASP B 324 18.63 -1.34 14.06
CA ASP B 324 18.09 -1.90 12.83
C ASP B 324 19.10 -1.86 11.70
N LEU B 325 19.00 -2.83 10.80
CA LEU B 325 19.72 -2.76 9.54
C LEU B 325 18.81 -2.08 8.53
N ILE B 326 19.41 -1.25 7.67
CA ILE B 326 18.72 -0.58 6.59
C ILE B 326 19.42 -0.99 5.30
N ALA B 327 18.68 -1.12 4.21
CA ALA B 327 19.28 -1.49 2.94
C ALA B 327 18.69 -0.60 1.87
N GLU B 328 19.56 0.05 1.10
CA GLU B 328 19.11 0.88 0.00
C GLU B 328 19.48 0.23 -1.29
N ILE B 329 18.65 0.39 -2.30
CA ILE B 329 18.92 -0.16 -3.61
C ILE B 329 18.75 0.93 -4.67
N GLN B 330 19.65 0.96 -5.66
CA GLN B 330 19.49 1.87 -6.81
C GLN B 330 19.40 1.08 -8.09
N LYS B 331 18.46 1.51 -8.94
CA LYS B 331 18.35 0.96 -10.29
C LYS B 331 19.44 1.57 -11.18
N GLN B 332 20.31 0.73 -11.74
CA GLN B 332 21.45 1.22 -12.54
C GLN B 332 21.24 1.15 -14.06
N GLY B 333 20.16 0.50 -14.49
CA GLY B 333 19.90 0.32 -15.91
C GLY B 333 20.48 -0.97 -16.43
N GLN B 334 19.89 -1.49 -17.50
CA GLN B 334 20.39 -2.69 -18.18
C GLN B 334 20.45 -3.92 -17.26
N GLY B 335 19.43 -4.07 -16.42
CA GLY B 335 19.34 -5.23 -15.55
C GLY B 335 20.33 -5.24 -14.40
N GLN B 336 20.96 -4.08 -14.13
CA GLN B 336 21.91 -4.00 -13.02
C GLN B 336 21.38 -3.16 -11.87
N TRP B 337 21.78 -3.53 -10.65
CA TRP B 337 21.26 -2.92 -9.43
C TRP B 337 22.37 -2.86 -8.40
N THR B 338 22.46 -1.72 -7.70
CA THR B 338 23.42 -1.57 -6.61
C THR B 338 22.71 -1.45 -5.27
N TYR B 339 23.37 -1.89 -4.20
CA TYR B 339 22.78 -1.74 -2.89
C TYR B 339 23.80 -1.56 -1.81
N GLN B 340 23.39 -0.90 -0.74
CA GLN B 340 24.21 -0.78 0.44
C GLN B 340 23.40 -1.17 1.65
N ILE B 341 24.10 -1.70 2.65
CA ILE B 341 23.49 -2.05 3.91
C ILE B 341 24.22 -1.26 4.97
N TYR B 342 23.46 -0.55 5.81
CA TYR B 342 24.04 0.28 6.85
C TYR B 342 23.08 0.39 8.01
N GLN B 343 23.56 0.93 9.13
CA GLN B 343 22.68 1.25 10.25
C GLN B 343 22.58 2.77 10.43
N GLU B 344 23.56 3.48 9.86
CA GLU B 344 23.54 4.93 9.74
C GLU B 344 24.08 5.25 8.36
N PRO B 345 23.33 6.02 7.55
CA PRO B 345 23.74 6.29 6.16
C PRO B 345 25.24 6.55 6.04
N PHE B 346 25.85 5.92 5.03
CA PHE B 346 27.28 6.06 4.74
C PHE B 346 28.25 5.52 5.80
N LYS B 347 27.73 4.87 6.82
CA LYS B 347 28.54 3.91 7.56
C LYS B 347 28.18 2.56 6.96
N ASN B 348 28.65 2.29 5.75
CA ASN B 348 28.26 1.08 5.05
C ASN B 348 28.91 -0.16 5.64
N LEU B 349 28.07 -1.10 6.09
CA LEU B 349 28.54 -2.37 6.60
C LEU B 349 28.83 -3.28 5.42
N LYS B 350 28.08 -3.09 4.34
CA LYS B 350 28.19 -3.94 3.15
C LYS B 350 27.68 -3.22 1.91
N THR B 351 28.39 -3.35 0.80
CA THR B 351 27.91 -2.81 -0.45
C THR B 351 28.05 -3.92 -1.49
N GLY B 352 27.16 -3.92 -2.47
CA GLY B 352 27.12 -5.01 -3.42
C GLY B 352 26.35 -4.68 -4.70
N LYS B 353 26.09 -5.71 -5.48
CA LYS B 353 25.29 -5.57 -6.69
C LYS B 353 24.48 -6.83 -6.98
N TYR B 354 23.46 -6.68 -7.81
CA TYR B 354 22.71 -7.83 -8.33
C TYR B 354 22.55 -7.61 -9.83
N ALA B 355 22.61 -8.69 -10.61
CA ALA B 355 22.54 -8.54 -12.06
C ALA B 355 21.59 -9.54 -12.74
N ARG B 356 20.52 -9.01 -13.33
CA ARG B 356 19.52 -9.82 -14.01
C ARG B 356 18.97 -10.92 -13.09
N THR B 362 13.30 -7.67 -19.93
CA THR B 362 13.59 -7.18 -18.59
C THR B 362 12.35 -6.59 -17.88
N ASN B 363 12.16 -7.00 -16.63
CA ASN B 363 11.03 -6.61 -15.80
C ASN B 363 11.60 -6.00 -14.52
N ASP B 364 11.53 -4.68 -14.38
CA ASP B 364 12.12 -3.96 -13.24
C ASP B 364 11.68 -4.53 -11.89
N VAL B 365 10.41 -4.84 -11.78
CA VAL B 365 9.83 -5.26 -10.51
C VAL B 365 10.28 -6.67 -10.17
N LYS B 366 10.29 -7.55 -11.17
CA LYS B 366 10.83 -8.89 -10.96
C LYS B 366 12.29 -8.86 -10.49
N GLN B 367 13.10 -8.00 -11.11
CA GLN B 367 14.51 -7.94 -10.73
C GLN B 367 14.68 -7.40 -9.32
N LEU B 368 13.93 -6.36 -8.98
CA LEU B 368 14.00 -5.73 -7.66
C LEU B 368 13.58 -6.76 -6.60
N THR B 369 12.52 -7.50 -6.91
CA THR B 369 12.06 -8.54 -6.02
C THR B 369 13.16 -9.54 -5.79
N GLU B 370 13.83 -9.94 -6.86
CA GLU B 370 14.90 -10.92 -6.72
C GLU B 370 16.05 -10.36 -5.89
N ALA B 371 16.35 -9.07 -6.08
CA ALA B 371 17.50 -8.47 -5.40
C ALA B 371 17.19 -8.37 -3.92
N VAL B 372 15.97 -7.95 -3.60
CA VAL B 372 15.53 -7.87 -2.22
C VAL B 372 15.68 -9.22 -1.51
N GLN B 373 15.27 -10.30 -2.17
CA GLN B 373 15.38 -11.60 -1.53
C GLN B 373 16.83 -12.02 -1.29
N LYS B 374 17.68 -11.68 -2.25
CA LYS B 374 19.10 -11.97 -2.16
C LYS B 374 19.75 -11.15 -1.06
N ILE B 375 19.43 -9.87 -0.97
CA ILE B 375 20.04 -9.00 0.04
C ILE B 375 19.63 -9.47 1.43
N THR B 376 18.36 -9.84 1.56
CA THR B 376 17.83 -10.33 2.83
C THR B 376 18.51 -11.65 3.22
N THR B 377 18.72 -12.54 2.26
CA THR B 377 19.37 -13.81 2.58
C THR B 377 20.80 -13.60 3.12
N GLU B 378 21.56 -12.71 2.48
CA GLU B 378 22.89 -12.35 2.95
C GLU B 378 22.87 -11.74 4.34
N SER B 379 21.89 -10.88 4.63
CA SER B 379 21.86 -10.25 5.96
C SER B 379 21.58 -11.29 7.05
N ILE B 380 20.73 -12.26 6.74
CA ILE B 380 20.42 -13.33 7.71
C ILE B 380 21.69 -14.11 7.99
N VAL B 381 22.40 -14.47 6.94
CA VAL B 381 23.64 -15.23 7.09
C VAL B 381 24.69 -14.44 7.86
N ILE B 382 24.86 -13.17 7.48
CA ILE B 382 25.87 -12.32 8.12
C ILE B 382 25.53 -11.90 9.54
N TRP B 383 24.34 -11.36 9.76
CA TRP B 383 24.02 -10.77 11.06
C TRP B 383 22.89 -11.45 11.82
N GLY B 384 22.13 -12.31 11.15
CA GLY B 384 21.00 -12.96 11.79
C GLY B 384 19.80 -12.04 11.94
N LYS B 385 19.73 -11.03 11.07
CA LYS B 385 18.61 -10.07 11.05
C LYS B 385 18.24 -9.76 9.60
N THR B 386 17.02 -9.26 9.38
CA THR B 386 16.64 -8.77 8.05
C THR B 386 16.71 -7.24 8.05
N PRO B 387 17.09 -6.66 6.90
CA PRO B 387 17.11 -5.19 6.79
C PRO B 387 15.74 -4.62 6.51
N LYS B 388 15.53 -3.36 6.91
CA LYS B 388 14.38 -2.64 6.38
C LYS B 388 14.79 -2.01 5.06
N PHE B 389 14.05 -2.28 3.97
CA PHE B 389 14.47 -1.81 2.65
C PHE B 389 13.95 -0.41 2.26
N LYS B 390 14.80 0.34 1.55
CA LYS B 390 14.35 1.57 0.88
C LYS B 390 14.26 1.24 -0.60
N LEU B 391 13.03 1.16 -1.12
CA LEU B 391 12.79 0.67 -2.47
C LEU B 391 12.48 1.81 -3.45
N PRO B 392 13.21 1.86 -4.57
CA PRO B 392 13.10 2.90 -5.60
C PRO B 392 11.93 2.67 -6.54
N ILE B 393 10.71 2.79 -6.02
CA ILE B 393 9.54 2.42 -6.79
C ILE B 393 8.30 2.94 -6.08
N GLN B 394 7.22 3.17 -6.83
CA GLN B 394 6.02 3.71 -6.23
C GLN B 394 5.36 2.60 -5.40
N LYS B 395 4.87 2.95 -4.22
CA LYS B 395 4.19 1.99 -3.34
C LYS B 395 3.22 1.08 -4.08
N GLU B 396 2.20 1.66 -4.71
CA GLU B 396 1.16 0.86 -5.36
C GLU B 396 1.70 -0.19 -6.34
N THR B 397 2.74 0.16 -7.08
CA THR B 397 3.24 -0.74 -8.10
C THR B 397 3.87 -1.96 -7.46
N TRP B 398 4.68 -1.73 -6.43
CA TRP B 398 5.27 -2.81 -5.67
C TRP B 398 4.19 -3.68 -5.04
N GLU B 399 3.25 -3.03 -4.36
CA GLU B 399 2.18 -3.79 -3.70
C GLU B 399 1.42 -4.65 -4.68
N THR B 400 1.23 -4.14 -5.90
CA THR B 400 0.52 -4.88 -6.93
C THR B 400 1.27 -6.12 -7.36
N TRP B 401 2.58 -6.02 -7.56
CA TRP B 401 3.35 -7.09 -8.22
C TRP B 401 4.31 -7.94 -7.40
N TRP B 402 4.69 -7.51 -6.21
CA TRP B 402 5.78 -8.22 -5.52
C TRP B 402 5.50 -9.70 -5.32
N THR B 403 4.24 -10.07 -5.03
CA THR B 403 3.94 -11.49 -4.79
C THR B 403 4.00 -12.36 -6.03
N GLU B 404 4.02 -11.75 -7.21
CA GLU B 404 4.15 -12.53 -8.45
C GLU B 404 5.48 -13.23 -8.55
N TYR B 405 6.51 -12.68 -7.91
CA TYR B 405 7.87 -13.17 -8.06
C TYR B 405 8.49 -13.64 -6.74
N TRP B 406 7.83 -13.32 -5.63
CA TRP B 406 8.31 -13.71 -4.32
C TRP B 406 8.34 -15.23 -4.11
N GLN B 407 9.42 -15.71 -3.52
CA GLN B 407 9.64 -17.12 -3.28
C GLN B 407 10.05 -17.39 -1.84
N ALA B 408 10.52 -16.36 -1.14
CA ALA B 408 11.00 -16.58 0.21
C ALA B 408 9.81 -16.73 1.16
N THR B 409 10.07 -17.27 2.35
CA THR B 409 8.99 -17.55 3.30
C THR B 409 8.93 -16.50 4.41
N TRP B 410 9.84 -15.54 4.37
CA TRP B 410 9.73 -14.35 5.20
C TRP B 410 9.42 -13.14 4.31
N ILE B 411 9.20 -11.99 4.93
CA ILE B 411 9.02 -10.73 4.21
C ILE B 411 9.71 -9.66 5.04
N PRO B 412 10.69 -8.94 4.45
CA PRO B 412 11.30 -7.85 5.21
C PRO B 412 10.37 -6.65 5.31
N GLU B 413 10.63 -5.79 6.27
CA GLU B 413 9.95 -4.51 6.31
C GLU B 413 10.47 -3.67 5.15
N TRP B 414 9.64 -2.78 4.63
CA TRP B 414 10.10 -1.87 3.58
C TRP B 414 9.42 -0.51 3.59
N GLU B 415 9.99 0.41 2.82
CA GLU B 415 9.37 1.70 2.55
C GLU B 415 9.84 2.18 1.18
N PHE B 416 9.21 3.22 0.65
CA PHE B 416 9.44 3.58 -0.75
C PHE B 416 10.02 4.97 -0.87
N VAL B 417 11.05 5.09 -1.70
CA VAL B 417 11.81 6.32 -1.80
C VAL B 417 12.10 6.68 -3.24
N ASN B 418 12.46 7.94 -3.45
CA ASN B 418 12.90 8.44 -4.75
C ASN B 418 14.42 8.55 -4.73
N THR B 419 15.12 7.76 -5.54
CA THR B 419 16.59 7.78 -5.48
C THR B 419 17.15 9.13 -5.92
N PRO B 420 17.93 9.80 -5.05
CA PRO B 420 18.66 10.99 -5.49
C PRO B 420 19.56 10.62 -6.66
N PRO B 421 19.40 11.30 -7.82
CA PRO B 421 20.19 10.96 -9.02
C PRO B 421 21.70 10.85 -8.80
N LEU B 422 22.26 11.60 -7.87
CA LEU B 422 23.71 11.54 -7.66
C LEU B 422 24.12 10.25 -6.94
N VAL B 423 23.32 9.83 -5.96
CA VAL B 423 23.59 8.56 -5.29
C VAL B 423 23.71 7.45 -6.33
N LYS B 424 22.75 7.39 -7.23
CA LYS B 424 22.81 6.42 -8.32
C LYS B 424 24.17 6.52 -9.01
N LEU B 425 24.52 7.74 -9.42
CA LEU B 425 25.74 7.98 -10.18
C LEU B 425 26.99 7.49 -9.45
N TRP B 426 27.09 7.83 -8.17
CA TRP B 426 28.27 7.54 -7.38
C TRP B 426 28.49 6.05 -7.13
N TYR B 427 27.41 5.26 -7.21
CA TYR B 427 27.53 3.82 -7.02
C TYR B 427 27.54 3.07 -8.35
N GLN B 428 27.57 3.81 -9.46
CA GLN B 428 27.63 3.21 -10.78
C GLN B 428 28.73 2.16 -10.95
N LEU B 429 28.44 1.15 -11.76
CA LEU B 429 29.41 0.12 -12.13
C LEU B 429 30.17 0.51 -13.40
N GLU B 430 30.82 -0.48 -14.03
CA GLU B 430 31.67 -0.20 -15.19
C GLU B 430 31.19 -0.90 -16.47
N1 NVP C . -26.54 -8.98 -7.16
CA NVP C . -26.18 -10.41 -6.99
CB NVP C . -26.72 -11.20 -5.83
CC NVP C . -27.24 -11.45 -7.21
N3 NVP C . -24.71 -8.34 -5.78
C4 NVP C . -24.13 -7.44 -4.95
C5 NVP C . -24.71 -6.26 -4.59
C6 NVP C . -25.96 -5.95 -5.09
CD NVP C . -26.63 -4.66 -4.70
C2 NVP C . -25.94 -8.05 -6.28
C7 NVP C . -26.60 -6.86 -5.95
N8 NVP C . -27.87 -6.54 -6.47
C9 NVP C . -28.36 -6.67 -7.73
OE NVP C . -29.47 -6.19 -8.02
C10 NVP C . -27.70 -7.54 -8.74
C15 NVP C . -26.89 -8.63 -8.46
C11 NVP C . -27.98 -7.23 -10.08
C12 NVP C . -27.40 -8.01 -11.09
C13 NVP C . -26.61 -9.06 -10.73
N14 NVP C . -26.34 -9.39 -9.45
MN MN D . 24.28 27.15 -4.92
MN MN E . 26.78 29.63 -3.40
S SO4 F . 33.18 26.70 -26.51
O1 SO4 F . 33.66 26.75 -27.89
O2 SO4 F . 31.78 26.26 -26.58
O3 SO4 F . 33.22 28.00 -25.85
O4 SO4 F . 33.99 25.73 -25.77
S SO4 G . 26.88 29.43 -30.48
O1 SO4 G . 27.07 29.58 -31.92
O2 SO4 G . 25.46 29.29 -30.21
O3 SO4 G . 27.33 30.63 -29.78
O4 SO4 G . 27.66 28.26 -30.02
CL CL H . 6.34 30.05 -8.76
C01 P4Y I . 27.20 26.45 5.49
C02 P4Y I . 28.47 25.95 5.78
C03 P4Y I . 29.08 25.00 4.97
C04 P4Y I . 28.37 24.59 3.84
C05 P4Y I . 27.11 25.06 3.51
C06 P4Y I . 26.51 26.01 4.35
N07 P4Y I . 28.74 23.68 2.88
C08 P4Y I . 27.75 23.56 1.92
C09 P4Y I . 26.68 24.42 2.29
C10 P4Y I . 27.96 22.58 0.85
C11 P4Y I . 25.33 24.71 1.68
C12 P4Y I . 25.43 25.51 0.40
C13 P4Y I . 29.23 22.01 0.67
C14 P4Y I . 29.43 21.04 -0.34
C15 P4Y I . 28.35 20.61 -1.13
C16 P4Y I . 27.07 21.16 -0.93
C17 P4Y I . 26.88 22.12 0.06
N18 P4Y I . 24.64 25.06 -0.60
C19 P4Y I . 24.68 25.74 -1.77
C20 P4Y I . 25.48 26.85 -1.96
C21 P4Y I . 26.24 27.23 -0.88
N22 P4Y I . 26.25 26.60 0.32
C23 P4Y I . 23.78 25.14 -2.76
O24 P4Y I . 25.53 27.54 -3.12
O25 P4Y I . 27.07 28.33 -1.01
O26 P4Y I . 23.05 24.16 -2.65
O27 P4Y I . 23.80 25.80 -3.90
CL CL J . 25.89 -16.89 -4.51
#